data_7SGJ
#
_entry.id   7SGJ
#
_cell.length_a   80.408
_cell.length_b   80.408
_cell.length_c   248.270
_cell.angle_alpha   90.000
_cell.angle_beta   90.000
_cell.angle_gamma   120.000
#
_symmetry.space_group_name_H-M   'P 31 2 1'
#
loop_
_entity.id
_entity.type
_entity.pdbx_description
1 polymer 'Polyamine deacetylase HDAC10'
2 non-polymer 4-[(3-anilino-3-oxopropyl)(methyl)amino]-N-hydroxybutanamide
3 non-polymer 1,2-ETHANEDIOL
4 non-polymer DI(HYDROXYETHYL)ETHER
5 non-polymer 'ZINC ION'
6 non-polymer 'POTASSIUM ION'
7 non-polymer 'PHOSPHATE ION'
8 non-polymer 'SODIUM ION'
9 water water
#
_entity_poly.entity_id   1
_entity_poly.type   'polypeptide(L)'
_entity_poly.pdbx_seq_one_letter_code
;AASGSALIFDEEMSRYKLLWTDPECEIEVPERLTVSYEALRTHGLAQRCKAVPVRQATEQEILLAHSEEYLEAVKQTPGM
NVEELMAFSKKYNAVYFHQNIYHCAKLAAGATLQLVDSVMKREVRNGMALVRPPGHHSQRSAANGFCVFNNVAFAALYAK
KNYNLNRILIVDWDVHHGQGIQYCFEEDPSVLYFSWHRYEHQSFWPNLPESDYSSVGKGKGSGFNINLPWNKVGMTNSDY
LAAFFHVLLPVAYEFDPELVIVSAGFDSAIGDPEGEMCALPEIFAHLTHLLMPLAAGKMCVVLEGGYNLTSLGQSVCQTV
HSLLGDPTPRISGLGTACDSALESIQNVRNVQSSYWSSFKHLAQSETNPKRPRLDATNGGPKESSEPASESNPKKTAQDI
VWPEPLKRMPASVRTVVVPPPGVELTLPKNCQHSGDISESTAKEVQRIRDKHFHDLTDQNILRSLGNIISVLDRMMRSDE
VCNGCVVVSDLSVSVQCALQHALTEPAERVLVVYVGDGELPVKTNDGKVFLVQICTKETEDKCVNRLTLCLREGESLTAG
FMQALLGLILPVAYEFNPALVLGIVEETAAKTRLMRVWGHMTCLIQGLARGRMLTLLQGYDKDLLELTVSALSGASISPL
GPLRAPKPEDVEMMEKQRQRLQERWGLLRCTVSESW
;
_entity_poly.pdbx_strand_id   A
#
# COMPACT_ATOMS: atom_id res chain seq x y z
N ALA A 1 -21.16 -6.52 3.69
CA ALA A 1 -19.77 -6.48 3.26
C ALA A 1 -18.86 -7.02 4.35
N ALA A 2 -17.73 -7.59 3.95
CA ALA A 2 -16.82 -8.24 4.90
C ALA A 2 -16.23 -7.22 5.88
N SER A 3 -15.97 -7.70 7.09
CA SER A 3 -15.32 -6.90 8.12
C SER A 3 -14.35 -7.78 8.89
N GLY A 4 -13.36 -7.15 9.52
CA GLY A 4 -12.39 -7.85 10.33
C GLY A 4 -11.17 -8.31 9.53
N SER A 5 -10.12 -8.68 10.28
CA SER A 5 -8.86 -9.10 9.69
C SER A 5 -8.50 -10.44 10.32
N ALA A 6 -8.25 -11.44 9.48
CA ALA A 6 -7.83 -12.73 10.00
C ALA A 6 -6.36 -12.70 10.38
N LEU A 7 -6.03 -13.36 11.49
CA LEU A 7 -4.66 -13.64 11.88
C LEU A 7 -4.54 -15.15 12.03
N ILE A 8 -3.68 -15.75 11.21
CA ILE A 8 -3.56 -17.20 11.18
C ILE A 8 -2.17 -17.55 11.67
N PHE A 9 -2.13 -18.32 12.75
CA PHE A 9 -0.87 -18.61 13.41
C PHE A 9 -1.03 -19.89 14.20
N ASP A 10 0.05 -20.66 14.29
CA ASP A 10 0.07 -21.81 15.18
C ASP A 10 1.50 -22.05 15.64
N GLU A 11 1.68 -22.29 16.94
CA GLU A 11 3.04 -22.45 17.43
C GLU A 11 3.66 -23.76 17.01
N GLU A 12 2.88 -24.70 16.46
CA GLU A 12 3.49 -25.89 15.86
C GLU A 12 4.54 -25.52 14.80
N MET A 13 4.32 -24.43 14.05
CA MET A 13 5.30 -24.11 13.00
C MET A 13 6.62 -23.60 13.55
N SER A 14 6.71 -23.33 14.86
CA SER A 14 7.99 -23.03 15.48
C SER A 14 8.72 -24.29 15.94
N ARG A 15 8.17 -25.48 15.67
CA ARG A 15 8.73 -26.71 16.22
C ARG A 15 9.53 -27.49 15.19
N TYR A 16 10.36 -26.75 14.43
CA TYR A 16 11.44 -27.34 13.66
C TYR A 16 12.51 -26.27 13.57
N LYS A 17 13.76 -26.71 13.45
CA LYS A 17 14.90 -25.82 13.47
C LYS A 17 16.09 -26.54 12.85
N LEU A 18 17.20 -25.82 12.74
CA LEU A 18 18.44 -26.35 12.17
C LEU A 18 19.19 -27.19 13.22
N LEU A 19 19.62 -28.39 12.82
CA LEU A 19 20.22 -29.34 13.75
C LEU A 19 21.71 -29.56 13.52
N TRP A 20 22.35 -28.79 12.64
CA TRP A 20 23.79 -28.90 12.42
C TRP A 20 24.33 -27.52 12.08
N THR A 21 25.65 -27.42 11.98
CA THR A 21 26.28 -26.15 11.66
C THR A 21 26.15 -25.85 10.17
N ASP A 22 25.59 -24.69 9.88
CA ASP A 22 25.52 -24.23 8.50
C ASP A 22 25.31 -22.73 8.54
N PRO A 23 26.38 -21.95 8.35
CA PRO A 23 26.25 -20.47 8.47
C PRO A 23 25.26 -19.87 7.48
N GLU A 24 24.96 -20.53 6.37
CA GLU A 24 24.02 -19.98 5.41
C GLU A 24 22.56 -20.21 5.80
N CYS A 25 22.30 -20.96 6.87
CA CYS A 25 20.94 -21.24 7.30
C CYS A 25 20.64 -20.83 8.74
N GLU A 26 21.65 -20.44 9.52
CA GLU A 26 21.50 -20.17 10.95
C GLU A 26 20.41 -19.15 11.24
N ILE A 27 20.18 -18.19 10.34
CA ILE A 27 19.27 -17.08 10.63
C ILE A 27 17.81 -17.48 10.61
N GLU A 28 17.48 -18.64 10.07
CA GLU A 28 16.06 -19.00 9.94
C GLU A 28 15.68 -19.77 11.19
N VAL A 29 15.10 -19.08 12.17
CA VAL A 29 14.92 -19.68 13.51
C VAL A 29 13.45 -19.72 13.91
N PRO A 30 13.08 -20.67 14.79
CA PRO A 30 11.70 -20.68 15.32
C PRO A 30 11.27 -19.35 15.92
N GLU A 31 12.19 -18.63 16.57
CA GLU A 31 11.80 -17.42 17.29
C GLU A 31 11.28 -16.32 16.37
N ARG A 32 11.46 -16.44 15.05
CA ARG A 32 10.85 -15.46 14.14
C ARG A 32 9.33 -15.45 14.26
N LEU A 33 8.72 -16.63 14.37
CA LEU A 33 7.28 -16.70 14.62
C LEU A 33 6.93 -16.26 16.04
N THR A 34 7.69 -16.75 17.01
CA THR A 34 7.42 -16.42 18.41
C THR A 34 7.43 -14.93 18.64
N VAL A 35 8.52 -14.27 18.23
CA VAL A 35 8.67 -12.84 18.42
C VAL A 35 7.58 -12.08 17.67
N SER A 36 7.20 -12.54 16.47
CA SER A 36 6.21 -11.80 15.69
C SER A 36 4.82 -11.90 16.34
N TYR A 37 4.40 -13.10 16.73
CA TYR A 37 3.09 -13.21 17.36
C TYR A 37 3.07 -12.45 18.68
N GLU A 38 4.11 -12.60 19.49
CA GLU A 38 4.17 -11.91 20.77
C GLU A 38 4.18 -10.39 20.60
N ALA A 39 4.82 -9.87 19.54
CA ALA A 39 4.73 -8.44 19.27
C ALA A 39 3.32 -8.03 18.92
N LEU A 40 2.59 -8.88 18.19
CA LEU A 40 1.19 -8.58 17.89
C LEU A 40 0.34 -8.59 19.15
N ARG A 41 0.60 -9.52 20.08
CA ARG A 41 -0.16 -9.55 21.33
C ARG A 41 0.20 -8.35 22.20
N THR A 42 1.50 -8.11 22.40
CA THR A 42 1.97 -6.95 23.17
C THR A 42 1.24 -5.66 22.80
N HIS A 43 1.03 -5.41 21.50
CA HIS A 43 0.41 -4.18 21.04
C HIS A 43 -1.10 -4.29 20.86
N GLY A 44 -1.72 -5.37 21.35
CA GLY A 44 -3.16 -5.49 21.25
C GLY A 44 -3.70 -5.78 19.87
N LEU A 45 -2.84 -6.15 18.93
CA LEU A 45 -3.31 -6.35 17.55
C LEU A 45 -3.86 -7.74 17.32
N ALA A 46 -3.21 -8.76 17.88
CA ALA A 46 -3.70 -10.13 17.73
C ALA A 46 -5.10 -10.26 18.26
N GLN A 47 -5.36 -9.63 19.42
CA GLN A 47 -6.67 -9.65 20.07
C GLN A 47 -7.78 -9.04 19.23
N ARG A 48 -7.46 -8.12 18.31
CA ARG A 48 -8.47 -7.51 17.44
C ARG A 48 -8.63 -8.27 16.12
N CYS A 49 -7.82 -9.28 15.87
CA CYS A 49 -7.96 -10.09 14.68
C CYS A 49 -8.80 -11.33 14.94
N LYS A 50 -9.49 -11.81 13.90
CA LYS A 50 -10.18 -13.09 13.95
C LYS A 50 -9.16 -14.20 13.82
N ALA A 51 -9.00 -15.01 14.87
CA ALA A 51 -8.05 -16.11 14.82
C ALA A 51 -8.68 -17.25 14.03
N VAL A 52 -8.07 -17.60 12.90
CA VAL A 52 -8.55 -18.67 12.03
C VAL A 52 -7.57 -19.82 12.17
N PRO A 53 -8.03 -21.05 12.42
CA PRO A 53 -7.10 -22.16 12.67
C PRO A 53 -6.34 -22.52 11.41
N VAL A 54 -5.13 -23.02 11.62
CA VAL A 54 -4.39 -23.64 10.54
C VAL A 54 -4.96 -25.02 10.25
N ARG A 55 -4.63 -25.55 9.08
CA ARG A 55 -4.90 -26.94 8.72
C ARG A 55 -3.75 -27.42 7.86
N GLN A 56 -3.71 -28.73 7.58
CA GLN A 56 -2.74 -29.26 6.62
C GLN A 56 -3.26 -29.03 5.21
N ALA A 57 -2.36 -28.62 4.32
CA ALA A 57 -2.64 -28.74 2.90
C ALA A 57 -2.72 -30.23 2.54
N THR A 58 -3.73 -30.60 1.79
CA THR A 58 -3.86 -31.99 1.36
C THR A 58 -2.82 -32.31 0.27
N GLU A 59 -2.68 -33.61 -0.01
CA GLU A 59 -1.81 -34.05 -1.09
C GLU A 59 -2.22 -33.44 -2.42
N GLN A 60 -3.51 -33.47 -2.73
CA GLN A 60 -4.02 -32.89 -3.96
C GLN A 60 -3.67 -31.41 -4.06
N GLU A 61 -3.82 -30.65 -2.96
CA GLU A 61 -3.48 -29.23 -2.98
C GLU A 61 -1.98 -29.01 -3.21
N ILE A 62 -1.13 -29.84 -2.60
CA ILE A 62 0.31 -29.70 -2.82
C ILE A 62 0.65 -29.95 -4.30
N LEU A 63 -0.03 -30.91 -4.94
CA LEU A 63 0.24 -31.24 -6.33
C LEU A 63 -0.21 -30.16 -7.31
N LEU A 64 -0.89 -29.11 -6.83
CA LEU A 64 -1.18 -27.97 -7.70
C LEU A 64 0.09 -27.30 -8.17
N ALA A 65 1.14 -27.32 -7.34
CA ALA A 65 2.35 -26.57 -7.59
C ALA A 65 3.60 -27.43 -7.60
N HIS A 66 3.54 -28.67 -7.12
CA HIS A 66 4.72 -29.49 -6.95
C HIS A 66 4.51 -30.85 -7.60
N SER A 67 5.62 -31.47 -7.96
CA SER A 67 5.57 -32.77 -8.63
C SER A 67 5.45 -33.91 -7.62
N GLU A 68 4.84 -35.01 -8.08
CA GLU A 68 4.65 -36.16 -7.18
C GLU A 68 5.98 -36.70 -6.70
N GLU A 69 7.01 -36.67 -7.57
CA GLU A 69 8.32 -37.15 -7.17
C GLU A 69 8.91 -36.32 -6.04
N TYR A 70 8.73 -35.01 -6.10
CA TYR A 70 9.30 -34.15 -5.06
C TYR A 70 8.49 -34.30 -3.77
N LEU A 71 7.17 -34.33 -3.87
CA LEU A 71 6.35 -34.55 -2.69
C LEU A 71 6.70 -35.89 -2.03
N GLU A 72 6.80 -36.95 -2.84
CA GLU A 72 7.16 -38.26 -2.30
C GLU A 72 8.50 -38.24 -1.59
N ALA A 73 9.48 -37.51 -2.12
CA ALA A 73 10.77 -37.47 -1.44
C ALA A 73 10.69 -36.72 -0.12
N VAL A 74 9.98 -35.59 -0.10
CA VAL A 74 9.85 -34.83 1.13
C VAL A 74 9.02 -35.60 2.16
N LYS A 75 8.02 -36.34 1.69
CA LYS A 75 7.18 -37.16 2.57
C LYS A 75 7.99 -38.16 3.36
N GLN A 76 9.21 -38.49 2.95
CA GLN A 76 10.00 -39.46 3.70
CA GLN A 76 10.06 -39.45 3.64
C GLN A 76 10.93 -38.82 4.73
N THR A 77 11.05 -37.49 4.76
CA THR A 77 11.95 -36.88 5.74
C THR A 77 11.53 -37.07 7.21
N PRO A 78 10.24 -37.22 7.56
CA PRO A 78 9.94 -37.46 8.99
C PRO A 78 10.56 -38.74 9.55
N GLY A 79 10.82 -39.75 8.72
CA GLY A 79 11.47 -40.96 9.16
C GLY A 79 12.98 -40.95 9.17
N MET A 80 13.61 -39.84 8.80
CA MET A 80 15.07 -39.77 8.67
C MET A 80 15.74 -39.31 9.96
N ASN A 81 16.91 -39.87 10.24
CA ASN A 81 17.74 -39.36 11.33
C ASN A 81 18.55 -38.14 10.84
N VAL A 82 19.33 -37.53 11.76
CA VAL A 82 19.99 -36.27 11.45
C VAL A 82 20.96 -36.44 10.27
N GLU A 83 21.75 -37.52 10.28
CA GLU A 83 22.65 -37.81 9.16
C GLU A 83 21.92 -37.85 7.83
N GLU A 84 20.78 -38.54 7.78
CA GLU A 84 20.05 -38.65 6.51
C GLU A 84 19.37 -37.34 6.15
N LEU A 85 18.97 -36.57 7.15
CA LEU A 85 18.37 -35.26 6.90
C LEU A 85 19.42 -34.29 6.32
N MET A 86 20.65 -34.36 6.84
CA MET A 86 21.75 -33.56 6.29
C MET A 86 22.03 -33.94 4.84
N ALA A 87 22.18 -35.24 4.56
CA ALA A 87 22.41 -35.68 3.17
C ALA A 87 21.26 -35.27 2.27
N PHE A 88 20.02 -35.34 2.75
CA PHE A 88 18.90 -34.92 1.92
C PHE A 88 18.90 -33.42 1.71
N SER A 89 19.32 -32.65 2.73
CA SER A 89 19.34 -31.20 2.63
C SER A 89 20.32 -30.74 1.54
N LYS A 90 21.47 -31.42 1.43
CA LYS A 90 22.55 -31.07 0.53
C LYS A 90 22.20 -31.24 -0.95
N LYS A 91 21.11 -31.94 -1.26
CA LYS A 91 20.60 -31.99 -2.64
C LYS A 91 20.03 -30.66 -3.10
N TYR A 92 19.88 -29.69 -2.21
CA TYR A 92 19.22 -28.45 -2.54
C TYR A 92 20.10 -27.30 -2.08
N ASN A 93 19.73 -26.10 -2.49
CA ASN A 93 20.50 -24.90 -2.19
C ASN A 93 19.87 -24.14 -1.02
N ALA A 94 20.67 -23.89 0.03
CA ALA A 94 20.31 -23.02 1.15
C ALA A 94 18.99 -23.44 1.83
N VAL A 95 18.94 -24.69 2.24
CA VAL A 95 17.75 -25.22 2.89
C VAL A 95 18.16 -26.35 3.82
N TYR A 96 17.45 -26.48 4.94
CA TYR A 96 17.66 -27.58 5.87
C TYR A 96 16.33 -28.27 6.15
N PHE A 97 16.41 -29.55 6.49
CA PHE A 97 15.24 -30.36 6.81
C PHE A 97 15.33 -30.83 8.25
N HIS A 98 14.20 -31.24 8.79
CA HIS A 98 14.07 -31.61 10.19
C HIS A 98 12.89 -32.59 10.27
N GLN A 99 12.91 -33.49 11.25
CA GLN A 99 11.85 -34.50 11.32
CA GLN A 99 11.85 -34.49 11.35
C GLN A 99 10.46 -33.88 11.23
N ASN A 100 10.28 -32.65 11.70
CA ASN A 100 8.97 -32.01 11.72
C ASN A 100 8.71 -30.99 10.61
N ILE A 101 9.66 -30.74 9.70
CA ILE A 101 9.47 -29.67 8.72
C ILE A 101 8.44 -30.03 7.66
N TYR A 102 8.31 -31.33 7.32
CA TYR A 102 7.27 -31.72 6.37
C TYR A 102 5.88 -31.41 6.95
N HIS A 103 5.68 -31.76 8.23
CA HIS A 103 4.46 -31.37 8.92
C HIS A 103 4.27 -29.85 8.91
N CYS A 104 5.30 -29.09 9.26
CA CYS A 104 5.13 -27.63 9.30
C CYS A 104 4.95 -27.02 7.92
N ALA A 105 5.59 -27.62 6.89
CA ALA A 105 5.37 -27.15 5.52
C ALA A 105 3.92 -27.34 5.10
N LYS A 106 3.28 -28.44 5.53
CA LYS A 106 1.86 -28.59 5.18
C LYS A 106 0.99 -27.63 5.97
N LEU A 107 1.40 -27.28 7.20
CA LEU A 107 0.65 -26.28 7.98
C LEU A 107 0.79 -24.87 7.40
N ALA A 108 2.02 -24.49 7.01
CA ALA A 108 2.23 -23.18 6.38
C ALA A 108 1.39 -23.04 5.14
N ALA A 109 1.33 -24.08 4.30
CA ALA A 109 0.49 -24.03 3.10
C ALA A 109 -0.99 -24.06 3.44
N GLY A 110 -1.40 -24.91 4.40
CA GLY A 110 -2.80 -24.91 4.78
C GLY A 110 -3.22 -23.60 5.43
N ALA A 111 -2.34 -23.03 6.27
CA ALA A 111 -2.65 -21.71 6.84
C ALA A 111 -2.92 -20.71 5.75
N THR A 112 -2.09 -20.72 4.69
CA THR A 112 -2.30 -19.81 3.57
C THR A 112 -3.64 -20.07 2.91
N LEU A 113 -3.95 -21.34 2.64
CA LEU A 113 -5.24 -21.67 2.02
C LEU A 113 -6.41 -21.25 2.91
N GLN A 114 -6.27 -21.47 4.22
CA GLN A 114 -7.29 -20.97 5.15
C GLN A 114 -7.48 -19.47 5.00
N LEU A 115 -6.37 -18.72 4.87
CA LEU A 115 -6.47 -17.27 4.71
C LEU A 115 -7.18 -16.93 3.41
N VAL A 116 -6.84 -17.61 2.31
CA VAL A 116 -7.53 -17.34 1.04
C VAL A 116 -9.03 -17.58 1.17
N ASP A 117 -9.42 -18.73 1.73
CA ASP A 117 -10.85 -19.03 1.92
C ASP A 117 -11.55 -17.98 2.77
N SER A 118 -10.92 -17.54 3.88
CA SER A 118 -11.58 -16.56 4.73
C SER A 118 -11.86 -15.27 3.99
N VAL A 119 -10.90 -14.81 3.17
CA VAL A 119 -11.09 -13.57 2.43
C VAL A 119 -12.08 -13.76 1.29
N MET A 120 -11.92 -14.83 0.51
CA MET A 120 -12.75 -15.00 -0.68
C MET A 120 -14.21 -15.36 -0.34
N LYS A 121 -14.45 -15.95 0.82
CA LYS A 121 -15.80 -16.19 1.31
C LYS A 121 -16.40 -14.99 2.03
N ARG A 122 -15.66 -13.87 2.11
CA ARG A 122 -16.14 -12.64 2.75
C ARG A 122 -16.32 -12.79 4.25
N GLU A 123 -15.67 -13.77 4.86
CA GLU A 123 -15.70 -13.90 6.32
C GLU A 123 -14.83 -12.85 6.99
N VAL A 124 -13.80 -12.37 6.31
CA VAL A 124 -13.00 -11.22 6.74
C VAL A 124 -12.71 -10.37 5.51
N ARG A 125 -12.34 -9.12 5.78
CA ARG A 125 -11.92 -8.21 4.70
C ARG A 125 -10.55 -8.61 4.15
N ASN A 126 -9.65 -9.03 5.02
CA ASN A 126 -8.25 -9.23 4.67
C ASN A 126 -7.64 -10.04 5.80
N GLY A 127 -6.34 -10.31 5.70
CA GLY A 127 -5.71 -11.02 6.81
C GLY A 127 -4.24 -11.24 6.56
N MET A 128 -3.62 -11.90 7.53
CA MET A 128 -2.21 -12.24 7.51
C MET A 128 -2.01 -13.64 8.08
N ALA A 129 -1.14 -14.42 7.44
CA ALA A 129 -0.69 -15.71 7.95
C ALA A 129 0.76 -15.61 8.36
N LEU A 130 1.05 -15.91 9.62
CA LEU A 130 2.40 -15.99 10.16
C LEU A 130 2.81 -17.45 10.12
N VAL A 131 3.65 -17.81 9.15
CA VAL A 131 3.95 -19.21 8.85
C VAL A 131 5.45 -19.42 8.76
N ARG A 132 5.86 -20.65 9.03
CA ARG A 132 7.17 -21.22 8.75
C ARG A 132 6.89 -22.63 8.25
N PRO A 133 7.66 -23.13 7.27
CA PRO A 133 8.75 -22.45 6.57
C PRO A 133 8.19 -21.48 5.55
N PRO A 134 8.99 -20.51 5.10
CA PRO A 134 8.56 -19.64 4.00
C PRO A 134 8.42 -20.44 2.69
N GLY A 135 7.91 -19.75 1.67
CA GLY A 135 7.59 -20.44 0.43
C GLY A 135 8.20 -19.94 -0.89
N HIS A 136 8.57 -18.67 -1.00
CA HIS A 136 8.61 -18.07 -2.34
C HIS A 136 9.80 -18.56 -3.17
N HIS A 137 10.81 -19.20 -2.58
CA HIS A 137 11.87 -19.82 -3.36
C HIS A 137 11.57 -21.23 -3.80
N SER A 138 10.56 -21.87 -3.20
CA SER A 138 10.22 -23.25 -3.49
C SER A 138 9.77 -23.41 -4.95
N GLN A 139 10.16 -24.52 -5.57
CA GLN A 139 9.95 -24.76 -6.98
C GLN A 139 9.26 -26.10 -7.17
N ARG A 140 8.77 -26.34 -8.40
N ARG A 140 8.76 -26.33 -8.40
CA ARG A 140 7.92 -27.50 -8.68
CA ARG A 140 7.94 -27.50 -8.70
C ARG A 140 8.54 -28.79 -8.15
C ARG A 140 8.55 -28.77 -8.11
N SER A 141 9.86 -28.96 -8.31
CA SER A 141 10.55 -30.15 -7.83
C SER A 141 11.76 -29.82 -6.95
N ALA A 142 11.71 -28.72 -6.19
CA ALA A 142 12.88 -28.43 -5.36
C ALA A 142 12.55 -27.53 -4.17
N ALA A 143 13.16 -27.86 -3.03
CA ALA A 143 13.30 -26.95 -1.92
C ALA A 143 14.45 -25.98 -2.19
N ASN A 144 14.35 -24.78 -1.65
CA ASN A 144 15.33 -23.75 -1.96
C ASN A 144 15.16 -22.62 -0.96
N GLY A 145 16.27 -22.08 -0.47
CA GLY A 145 16.21 -20.84 0.31
C GLY A 145 15.25 -20.89 1.50
N PHE A 146 15.40 -21.90 2.36
CA PHE A 146 14.59 -22.14 3.55
C PHE A 146 13.15 -22.55 3.23
N CYS A 147 12.76 -22.62 1.96
CA CYS A 147 11.40 -22.92 1.53
C CYS A 147 11.27 -24.37 1.08
N VAL A 148 10.20 -25.03 1.54
CA VAL A 148 9.88 -26.42 1.17
C VAL A 148 8.78 -26.47 0.11
N PHE A 149 7.65 -25.83 0.39
CA PHE A 149 6.53 -25.76 -0.55
C PHE A 149 6.21 -24.30 -0.78
N ASN A 150 5.64 -23.98 -1.94
CA ASN A 150 5.48 -22.56 -2.30
C ASN A 150 4.12 -22.06 -1.85
N ASN A 151 4.09 -21.53 -0.62
CA ASN A 151 2.85 -21.13 0.04
C ASN A 151 2.06 -20.17 -0.82
N VAL A 152 2.72 -19.12 -1.34
CA VAL A 152 1.98 -18.10 -2.07
C VAL A 152 1.56 -18.60 -3.46
N ALA A 153 2.38 -19.44 -4.10
CA ALA A 153 1.93 -19.97 -5.39
C ALA A 153 0.71 -20.87 -5.21
N PHE A 154 0.71 -21.70 -4.15
CA PHE A 154 -0.50 -22.44 -3.77
C PHE A 154 -1.71 -21.53 -3.72
N ALA A 155 -1.59 -20.45 -2.94
CA ALA A 155 -2.71 -19.54 -2.72
C ALA A 155 -3.31 -19.06 -4.03
N ALA A 156 -2.46 -18.64 -4.98
CA ALA A 156 -3.01 -18.15 -6.25
C ALA A 156 -3.59 -19.29 -7.07
N LEU A 157 -2.92 -20.44 -7.08
CA LEU A 157 -3.43 -21.56 -7.86
C LEU A 157 -4.75 -22.07 -7.28
N TYR A 158 -4.83 -22.09 -5.94
CA TYR A 158 -6.05 -22.49 -5.24
C TYR A 158 -7.19 -21.50 -5.47
N ALA A 159 -6.89 -20.19 -5.46
CA ALA A 159 -7.96 -19.19 -5.69
C ALA A 159 -8.45 -19.23 -7.13
N LYS A 160 -7.55 -19.49 -8.08
CA LYS A 160 -7.93 -19.73 -9.46
C LYS A 160 -8.90 -20.91 -9.54
N LYS A 161 -8.51 -22.05 -8.97
CA LYS A 161 -9.29 -23.27 -9.17
C LYS A 161 -10.66 -23.16 -8.50
N ASN A 162 -10.71 -22.69 -7.25
CA ASN A 162 -11.90 -22.78 -6.43
C ASN A 162 -12.78 -21.55 -6.45
N TYR A 163 -12.28 -20.40 -6.91
CA TYR A 163 -13.11 -19.22 -7.04
C TYR A 163 -13.11 -18.69 -8.47
N ASN A 164 -12.48 -19.40 -9.41
CA ASN A 164 -12.51 -19.06 -10.83
C ASN A 164 -12.04 -17.63 -11.08
N LEU A 165 -11.05 -17.17 -10.29
CA LEU A 165 -10.50 -15.84 -10.49
C LEU A 165 -9.71 -15.78 -11.79
N ASN A 166 -9.82 -14.66 -12.49
CA ASN A 166 -9.05 -14.43 -13.70
C ASN A 166 -7.84 -13.52 -13.50
N ARG A 167 -7.82 -12.70 -12.46
CA ARG A 167 -6.70 -11.78 -12.27
C ARG A 167 -6.28 -11.79 -10.81
N ILE A 168 -5.04 -12.21 -10.55
CA ILE A 168 -4.48 -12.24 -9.21
C ILE A 168 -3.14 -11.49 -9.21
N LEU A 169 -2.99 -10.53 -8.32
CA LEU A 169 -1.71 -9.84 -8.13
C LEU A 169 -0.95 -10.46 -6.97
N ILE A 170 0.32 -10.83 -7.20
CA ILE A 170 1.24 -11.23 -6.14
C ILE A 170 2.31 -10.16 -6.01
N VAL A 171 2.41 -9.54 -4.83
CA VAL A 171 3.42 -8.52 -4.51
C VAL A 171 4.42 -9.16 -3.57
N ASP A 172 5.67 -9.30 -4.00
CA ASP A 172 6.73 -9.93 -3.20
C ASP A 172 7.69 -8.84 -2.76
N TRP A 173 7.50 -8.34 -1.54
CA TRP A 173 8.38 -7.30 -1.03
C TRP A 173 9.44 -7.85 -0.08
N ASP A 174 9.54 -9.19 0.04
CA ASP A 174 10.74 -9.79 0.63
C ASP A 174 11.96 -9.24 -0.09
N VAL A 175 13.12 -9.26 0.58
CA VAL A 175 14.30 -8.66 -0.04
C VAL A 175 14.98 -9.59 -1.03
N HIS A 176 14.56 -10.85 -1.10
CA HIS A 176 15.11 -11.82 -2.03
C HIS A 176 14.12 -12.03 -3.17
N HIS A 177 14.65 -12.43 -4.32
CA HIS A 177 13.80 -12.69 -5.48
C HIS A 177 13.02 -13.98 -5.28
N GLY A 178 11.70 -13.92 -5.48
CA GLY A 178 10.92 -15.15 -5.38
C GLY A 178 10.87 -15.94 -6.67
N GLN A 179 11.98 -16.62 -7.01
CA GLN A 179 12.07 -17.23 -8.34
C GLN A 179 11.11 -18.40 -8.49
N GLY A 180 10.83 -19.12 -7.39
CA GLY A 180 9.81 -20.16 -7.47
C GLY A 180 8.46 -19.63 -7.93
N ILE A 181 8.07 -18.46 -7.43
CA ILE A 181 6.81 -17.88 -7.87
C ILE A 181 6.88 -17.46 -9.33
N GLN A 182 7.99 -16.81 -9.73
CA GLN A 182 8.17 -16.39 -11.11
C GLN A 182 8.04 -17.57 -12.08
N TYR A 183 8.77 -18.65 -11.79
CA TYR A 183 8.72 -19.83 -12.66
C TYR A 183 7.31 -20.39 -12.75
N CYS A 184 6.60 -20.40 -11.61
CA CYS A 184 5.28 -20.99 -11.58
C CYS A 184 4.34 -20.26 -12.52
N PHE A 185 4.40 -18.93 -12.56
CA PHE A 185 3.43 -18.17 -13.34
C PHE A 185 4.03 -17.48 -14.58
N GLU A 186 5.24 -17.87 -14.97
CA GLU A 186 5.95 -17.24 -16.09
C GLU A 186 5.07 -17.09 -17.33
N GLU A 187 4.31 -18.15 -17.67
CA GLU A 187 3.49 -18.14 -18.88
C GLU A 187 2.02 -17.82 -18.63
N ASP A 188 1.64 -17.46 -17.41
CA ASP A 188 0.23 -17.34 -17.06
C ASP A 188 -0.16 -15.86 -17.01
N PRO A 189 -0.98 -15.35 -17.93
CA PRO A 189 -1.39 -13.95 -17.84
C PRO A 189 -2.40 -13.67 -16.73
N SER A 190 -2.92 -14.69 -16.06
CA SER A 190 -3.91 -14.44 -15.01
C SER A 190 -3.29 -14.10 -13.67
N VAL A 191 -1.97 -14.22 -13.52
CA VAL A 191 -1.28 -13.90 -12.28
C VAL A 191 -0.21 -12.86 -12.59
N LEU A 192 -0.29 -11.68 -11.98
CA LEU A 192 0.74 -10.66 -12.16
C LEU A 192 1.69 -10.74 -10.95
N TYR A 193 2.96 -11.06 -11.19
CA TYR A 193 3.96 -11.14 -10.13
C TYR A 193 4.87 -9.92 -10.16
N PHE A 194 5.01 -9.23 -9.02
CA PHE A 194 5.96 -8.14 -8.84
C PHE A 194 6.94 -8.52 -7.74
N SER A 195 8.24 -8.33 -8.00
CA SER A 195 9.25 -8.59 -6.98
C SER A 195 10.28 -7.48 -7.01
N TRP A 196 10.57 -6.88 -5.86
CA TRP A 196 11.83 -6.15 -5.76
C TRP A 196 12.80 -7.01 -4.98
N HIS A 197 14.10 -6.79 -5.20
CA HIS A 197 15.02 -7.70 -4.52
C HIS A 197 16.43 -7.17 -4.62
N ARG A 198 17.20 -7.40 -3.55
CA ARG A 198 18.64 -7.18 -3.62
C ARG A 198 19.22 -8.09 -4.70
N TYR A 199 19.97 -7.50 -5.63
CA TYR A 199 20.48 -8.18 -6.81
C TYR A 199 21.98 -7.94 -6.98
N GLU A 200 22.39 -6.68 -6.84
CA GLU A 200 23.79 -6.28 -6.93
C GLU A 200 24.43 -6.85 -8.21
N HIS A 201 23.75 -6.62 -9.33
CA HIS A 201 24.25 -7.02 -10.64
C HIS A 201 24.46 -8.53 -10.70
N GLN A 202 23.54 -9.27 -10.07
CA GLN A 202 23.50 -10.73 -10.03
C GLN A 202 24.52 -11.33 -9.07
N SER A 203 25.29 -10.52 -8.34
CA SER A 203 26.18 -11.10 -7.33
C SER A 203 25.48 -11.49 -6.02
N PHE A 204 24.22 -11.14 -5.82
CA PHE A 204 23.53 -11.51 -4.57
C PHE A 204 22.63 -12.70 -4.81
N TRP A 205 22.68 -13.64 -3.86
CA TRP A 205 21.87 -14.86 -3.89
C TRP A 205 20.42 -14.52 -4.24
N PRO A 206 19.75 -15.32 -5.09
CA PRO A 206 20.21 -16.60 -5.64
C PRO A 206 21.00 -16.48 -6.96
N ASN A 207 21.47 -15.29 -7.32
CA ASN A 207 22.42 -15.11 -8.42
C ASN A 207 21.84 -15.53 -9.77
N LEU A 208 20.62 -15.09 -10.07
CA LEU A 208 20.00 -15.64 -11.27
C LEU A 208 19.92 -14.58 -12.35
N PRO A 209 20.32 -14.90 -13.58
CA PRO A 209 20.12 -13.95 -14.68
C PRO A 209 18.68 -13.55 -14.84
N GLU A 210 17.73 -14.49 -14.67
CA GLU A 210 16.32 -14.18 -14.87
C GLU A 210 15.69 -13.43 -13.68
N SER A 211 16.45 -13.08 -12.65
CA SER A 211 15.95 -12.10 -11.66
C SER A 211 16.07 -10.65 -12.13
N ASP A 212 16.61 -10.38 -13.32
CA ASP A 212 16.82 -9.01 -13.76
C ASP A 212 15.53 -8.42 -14.31
N TYR A 213 15.55 -7.10 -14.52
CA TYR A 213 14.36 -6.39 -15.01
C TYR A 213 13.90 -6.89 -16.39
N SER A 214 14.76 -7.58 -17.14
CA SER A 214 14.39 -7.97 -18.50
C SER A 214 13.47 -9.19 -18.55
N SER A 215 13.32 -9.94 -17.46
CA SER A 215 12.38 -11.06 -17.40
C SER A 215 10.99 -10.48 -17.18
N VAL A 216 10.18 -10.46 -18.24
CA VAL A 216 8.85 -9.86 -18.23
C VAL A 216 7.76 -10.93 -18.30
N GLY A 217 8.14 -12.20 -18.23
CA GLY A 217 7.24 -13.31 -18.49
C GLY A 217 7.50 -13.90 -19.88
N LYS A 218 6.78 -15.00 -20.18
CA LYS A 218 6.96 -15.75 -21.41
C LYS A 218 5.63 -16.04 -22.09
N GLY A 219 5.63 -15.94 -23.42
CA GLY A 219 4.46 -16.35 -24.20
C GLY A 219 3.26 -15.49 -23.87
N LYS A 220 2.14 -16.15 -23.57
CA LYS A 220 0.93 -15.41 -23.21
C LYS A 220 1.12 -14.60 -21.93
N GLY A 221 2.14 -14.92 -21.13
CA GLY A 221 2.38 -14.20 -19.90
C GLY A 221 3.36 -13.05 -19.99
N SER A 222 3.82 -12.68 -21.19
CA SER A 222 4.74 -11.55 -21.30
C SER A 222 4.08 -10.29 -20.77
N GLY A 223 4.79 -9.59 -19.90
CA GLY A 223 4.26 -8.40 -19.25
C GLY A 223 3.69 -8.64 -17.86
N PHE A 224 3.47 -9.89 -17.46
CA PHE A 224 2.88 -10.17 -16.15
C PHE A 224 3.90 -10.68 -15.14
N ASN A 225 5.19 -10.54 -15.45
CA ASN A 225 6.26 -10.69 -14.49
C ASN A 225 7.04 -9.38 -14.45
N ILE A 226 7.21 -8.81 -13.25
CA ILE A 226 7.87 -7.50 -13.10
C ILE A 226 8.95 -7.64 -12.04
N ASN A 227 10.22 -7.60 -12.47
CA ASN A 227 11.36 -7.71 -11.57
C ASN A 227 12.01 -6.34 -11.43
N LEU A 228 12.20 -5.89 -10.19
CA LEU A 228 12.88 -4.63 -9.91
C LEU A 228 14.11 -4.92 -9.07
N PRO A 229 15.29 -5.07 -9.68
CA PRO A 229 16.50 -5.40 -8.92
C PRO A 229 17.05 -4.18 -8.20
N TRP A 230 17.50 -4.38 -6.95
CA TRP A 230 18.21 -3.35 -6.21
C TRP A 230 19.69 -3.63 -6.38
N ASN A 231 20.41 -2.73 -7.03
CA ASN A 231 21.79 -3.05 -7.35
C ASN A 231 22.77 -2.46 -6.35
N LYS A 232 22.28 -1.79 -5.31
CA LYS A 232 23.08 -1.38 -4.14
C LYS A 232 22.27 -1.65 -2.87
N VAL A 233 22.97 -1.86 -1.76
CA VAL A 233 22.29 -1.97 -0.47
C VAL A 233 21.98 -0.57 0.04
N GLY A 234 21.35 -0.49 1.21
CA GLY A 234 20.97 0.79 1.79
C GLY A 234 19.74 1.47 1.19
N MET A 235 18.89 0.74 0.47
CA MET A 235 17.68 1.39 -0.07
C MET A 235 16.82 1.94 1.07
N THR A 236 16.17 3.07 0.80
CA THR A 236 15.48 3.85 1.83
C THR A 236 13.98 3.85 1.59
N ASN A 237 13.25 4.48 2.53
CA ASN A 237 11.82 4.69 2.33
C ASN A 237 11.54 5.31 0.97
N SER A 238 12.35 6.30 0.56
CA SER A 238 12.09 6.94 -0.74
C SER A 238 12.28 5.98 -1.90
N ASP A 239 13.28 5.10 -1.84
CA ASP A 239 13.43 4.11 -2.91
C ASP A 239 12.22 3.20 -3.00
N TYR A 240 11.75 2.68 -1.84
CA TYR A 240 10.61 1.77 -1.85
C TYR A 240 9.35 2.48 -2.35
N LEU A 241 9.12 3.71 -1.89
CA LEU A 241 7.92 4.40 -2.34
C LEU A 241 8.04 4.80 -3.81
N ALA A 242 9.24 5.15 -4.29
CA ALA A 242 9.41 5.41 -5.71
C ALA A 242 9.09 4.17 -6.54
N ALA A 243 9.51 3.00 -6.06
CA ALA A 243 9.13 1.74 -6.71
C ALA A 243 7.61 1.58 -6.78
N PHE A 244 6.89 1.90 -5.69
CA PHE A 244 5.44 1.73 -5.68
C PHE A 244 4.75 2.75 -6.60
N PHE A 245 5.09 4.03 -6.47
CA PHE A 245 4.39 5.06 -7.25
C PHE A 245 4.69 4.95 -8.75
N HIS A 246 5.91 4.54 -9.12
CA HIS A 246 6.32 4.66 -10.51
C HIS A 246 6.43 3.32 -11.24
N VAL A 247 6.25 2.19 -10.53
CA VAL A 247 6.27 0.89 -11.19
C VAL A 247 5.06 0.06 -10.77
N LEU A 248 4.98 -0.31 -9.48
CA LEU A 248 4.01 -1.30 -9.04
C LEU A 248 2.58 -0.79 -9.15
N LEU A 249 2.27 0.32 -8.49
CA LEU A 249 0.88 0.79 -8.42
C LEU A 249 0.29 1.15 -9.77
N PRO A 250 0.98 1.84 -10.69
CA PRO A 250 0.40 2.04 -12.03
C PRO A 250 -0.01 0.75 -12.70
N VAL A 251 0.83 -0.29 -12.60
CA VAL A 251 0.51 -1.59 -13.20
C VAL A 251 -0.62 -2.27 -12.43
N ALA A 252 -0.55 -2.26 -11.09
CA ALA A 252 -1.58 -2.91 -10.27
C ALA A 252 -2.97 -2.35 -10.55
N TYR A 253 -3.12 -1.02 -10.60
CA TYR A 253 -4.47 -0.46 -10.80
C TYR A 253 -4.96 -0.67 -12.23
N GLU A 254 -4.05 -0.79 -13.20
CA GLU A 254 -4.47 -1.08 -14.57
C GLU A 254 -4.88 -2.55 -14.71
N PHE A 255 -4.08 -3.46 -14.14
CA PHE A 255 -4.40 -4.88 -14.12
C PHE A 255 -5.73 -5.15 -13.40
N ASP A 256 -6.06 -4.37 -12.37
CA ASP A 256 -7.32 -4.50 -11.61
C ASP A 256 -7.48 -5.93 -11.10
N PRO A 257 -6.64 -6.37 -10.15
CA PRO A 257 -6.73 -7.76 -9.69
C PRO A 257 -8.03 -8.01 -8.92
N GLU A 258 -8.46 -9.27 -8.92
CA GLU A 258 -9.60 -9.68 -8.10
C GLU A 258 -9.18 -10.15 -6.72
N LEU A 259 -7.89 -10.43 -6.53
CA LEU A 259 -7.34 -10.78 -5.24
C LEU A 259 -5.89 -10.32 -5.23
N VAL A 260 -5.42 -9.88 -4.07
CA VAL A 260 -4.02 -9.50 -3.87
C VAL A 260 -3.41 -10.42 -2.82
N ILE A 261 -2.28 -11.01 -3.15
CA ILE A 261 -1.52 -11.83 -2.21
C ILE A 261 -0.15 -11.17 -2.05
N VAL A 262 0.28 -10.98 -0.81
CA VAL A 262 1.57 -10.37 -0.53
C VAL A 262 2.49 -11.46 0.01
N SER A 263 3.61 -11.67 -0.69
CA SER A 263 4.75 -12.40 -0.16
C SER A 263 5.54 -11.40 0.70
N ALA A 264 5.27 -11.44 2.01
CA ALA A 264 5.67 -10.38 2.92
C ALA A 264 6.89 -10.83 3.71
N GLY A 265 8.06 -10.63 3.11
CA GLY A 265 9.31 -10.81 3.82
C GLY A 265 9.79 -9.45 4.30
N PHE A 266 10.14 -9.39 5.57
CA PHE A 266 10.58 -8.14 6.17
C PHE A 266 12.09 -8.10 6.31
N ASP A 267 12.79 -9.00 5.63
CA ASP A 267 14.22 -8.82 5.49
C ASP A 267 14.55 -7.64 4.57
N SER A 268 13.54 -6.94 4.05
CA SER A 268 13.78 -5.69 3.34
C SER A 268 13.78 -4.49 4.28
N ALA A 269 13.68 -4.73 5.60
CA ALA A 269 13.60 -3.70 6.61
C ALA A 269 14.98 -3.39 7.18
N ILE A 270 15.12 -2.17 7.72
CA ILE A 270 16.35 -1.76 8.36
C ILE A 270 16.79 -2.78 9.39
N GLY A 271 18.10 -2.95 9.51
CA GLY A 271 18.66 -3.84 10.51
C GLY A 271 18.78 -5.29 10.10
N ASP A 272 18.14 -5.71 9.01
CA ASP A 272 18.19 -7.12 8.65
C ASP A 272 19.56 -7.48 8.08
N PRO A 273 20.20 -8.55 8.57
CA PRO A 273 21.54 -8.89 8.07
C PRO A 273 21.54 -9.45 6.66
N GLU A 274 20.40 -9.88 6.12
CA GLU A 274 20.37 -10.35 4.74
C GLU A 274 20.18 -9.21 3.74
N GLY A 275 19.24 -8.32 4.01
CA GLY A 275 18.90 -7.28 3.07
C GLY A 275 19.85 -6.10 3.10
N GLU A 276 20.30 -5.72 4.30
CA GLU A 276 21.12 -4.52 4.53
C GLU A 276 20.47 -3.30 3.92
N MET A 277 19.14 -3.27 3.90
CA MET A 277 18.42 -2.08 3.49
C MET A 277 18.17 -1.16 4.69
N CYS A 278 17.63 0.02 4.41
CA CYS A 278 17.49 1.11 5.38
C CYS A 278 16.06 1.60 5.55
N ALA A 279 15.08 0.90 4.99
CA ALA A 279 13.71 1.35 5.11
C ALA A 279 13.19 1.04 6.51
N LEU A 280 12.45 1.99 7.07
CA LEU A 280 11.94 1.92 8.43
C LEU A 280 10.76 0.95 8.49
N PRO A 281 10.53 0.33 9.65
CA PRO A 281 9.37 -0.55 9.77
C PRO A 281 8.07 0.13 9.40
N GLU A 282 8.00 1.45 9.58
CA GLU A 282 6.80 2.21 9.25
C GLU A 282 6.46 2.19 7.77
N ILE A 283 7.43 1.90 6.89
CA ILE A 283 7.14 1.93 5.46
C ILE A 283 6.16 0.82 5.11
N PHE A 284 6.16 -0.28 5.85
CA PHE A 284 5.24 -1.37 5.55
C PHE A 284 3.80 -1.03 5.87
N ALA A 285 3.57 -0.05 6.75
CA ALA A 285 2.21 0.45 6.94
C ALA A 285 1.68 1.06 5.65
N HIS A 286 2.56 1.70 4.88
CA HIS A 286 2.16 2.39 3.67
C HIS A 286 2.15 1.47 2.46
N LEU A 287 3.12 0.56 2.35
CA LEU A 287 3.05 -0.46 1.31
C LEU A 287 1.75 -1.25 1.41
N THR A 288 1.32 -1.60 2.63
CA THR A 288 0.03 -2.24 2.83
C THR A 288 -1.11 -1.30 2.48
N HIS A 289 -1.05 -0.06 3.00
CA HIS A 289 -2.15 0.89 2.79
C HIS A 289 -2.35 1.21 1.32
N LEU A 290 -1.26 1.35 0.57
CA LEU A 290 -1.38 1.73 -0.83
C LEU A 290 -1.97 0.61 -1.70
N LEU A 291 -1.88 -0.65 -1.26
CA LEU A 291 -2.47 -1.75 -2.00
C LEU A 291 -3.89 -2.08 -1.56
N MET A 292 -4.34 -1.55 -0.43
CA MET A 292 -5.64 -1.95 0.13
C MET A 292 -6.86 -1.52 -0.67
N PRO A 293 -6.82 -0.45 -1.49
CA PRO A 293 -8.00 -0.17 -2.33
C PRO A 293 -8.23 -1.19 -3.44
N LEU A 294 -7.22 -1.96 -3.85
CA LEU A 294 -7.40 -2.93 -4.94
C LEU A 294 -8.30 -4.09 -4.51
N ALA A 295 -8.99 -4.68 -5.49
CA ALA A 295 -9.73 -5.92 -5.28
C ALA A 295 -10.72 -5.81 -4.13
N ALA A 296 -11.37 -4.63 -4.01
CA ALA A 296 -12.27 -4.32 -2.91
C ALA A 296 -11.67 -4.64 -1.54
N GLY A 297 -10.35 -4.51 -1.41
CA GLY A 297 -9.68 -4.72 -0.14
C GLY A 297 -9.27 -6.15 0.16
N LYS A 298 -9.50 -7.08 -0.77
CA LYS A 298 -9.23 -8.49 -0.51
C LYS A 298 -7.73 -8.75 -0.65
N MET A 299 -7.04 -8.70 0.50
CA MET A 299 -5.60 -8.84 0.56
C MET A 299 -5.23 -9.93 1.55
N CYS A 300 -4.40 -10.88 1.10
CA CYS A 300 -3.85 -11.95 1.93
C CYS A 300 -2.35 -11.73 2.08
N VAL A 301 -1.91 -11.45 3.29
CA VAL A 301 -0.51 -11.20 3.57
C VAL A 301 0.08 -12.47 4.14
N VAL A 302 1.18 -12.93 3.55
CA VAL A 302 1.78 -14.22 3.89
C VAL A 302 3.24 -14.00 4.26
N LEU A 303 3.62 -14.40 5.47
CA LEU A 303 4.98 -14.19 5.94
C LEU A 303 5.98 -15.01 5.12
N GLU A 304 7.03 -14.34 4.66
CA GLU A 304 8.18 -15.00 4.04
C GLU A 304 9.38 -14.90 4.98
N GLY A 305 10.36 -14.06 4.65
CA GLY A 305 11.58 -13.89 5.45
C GLY A 305 11.51 -12.72 6.41
N GLY A 306 12.68 -12.38 6.97
CA GLY A 306 12.83 -11.30 7.96
C GLY A 306 13.52 -11.81 9.21
N TYR A 307 14.75 -11.36 9.49
CA TYR A 307 15.65 -12.08 10.40
C TYR A 307 16.20 -11.27 11.56
N ASN A 308 16.06 -9.96 11.56
CA ASN A 308 16.39 -9.14 12.72
C ASN A 308 15.15 -9.12 13.59
N LEU A 309 15.21 -9.83 14.72
CA LEU A 309 13.99 -10.10 15.48
C LEU A 309 13.26 -8.81 15.85
N THR A 310 14.00 -7.72 16.02
CA THR A 310 13.37 -6.45 16.37
C THR A 310 12.65 -5.80 15.19
N SER A 311 13.36 -5.57 14.08
CA SER A 311 12.66 -4.98 12.94
C SER A 311 11.56 -5.89 12.44
N LEU A 312 11.71 -7.21 12.66
CA LEU A 312 10.67 -8.15 12.28
C LEU A 312 9.39 -7.89 13.04
N GLY A 313 9.47 -7.83 14.36
CA GLY A 313 8.26 -7.58 15.15
C GLY A 313 7.60 -6.25 14.83
N GLN A 314 8.41 -5.21 14.65
CA GLN A 314 7.82 -3.89 14.41
C GLN A 314 7.17 -3.81 13.03
N SER A 315 7.76 -4.48 12.04
CA SER A 315 7.21 -4.43 10.69
C SER A 315 5.96 -5.28 10.58
N VAL A 316 5.90 -6.41 11.29
CA VAL A 316 4.67 -7.20 11.33
C VAL A 316 3.53 -6.37 11.93
N CYS A 317 3.83 -5.60 12.98
CA CYS A 317 2.80 -4.77 13.62
C CYS A 317 2.32 -3.66 12.72
N GLN A 318 3.24 -2.98 12.01
CA GLN A 318 2.83 -1.91 11.10
C GLN A 318 1.92 -2.45 10.01
N THR A 319 2.17 -3.68 9.54
CA THR A 319 1.30 -4.27 8.52
C THR A 319 -0.09 -4.56 9.06
N VAL A 320 -0.17 -5.24 10.20
CA VAL A 320 -1.47 -5.59 10.75
C VAL A 320 -2.25 -4.34 11.16
N HIS A 321 -1.56 -3.35 11.76
CA HIS A 321 -2.19 -2.06 12.02
C HIS A 321 -2.91 -1.54 10.78
N SER A 322 -2.22 -1.56 9.63
CA SER A 322 -2.83 -1.08 8.39
C SER A 322 -3.94 -2.00 7.93
N LEU A 323 -3.77 -3.32 8.02
CA LEU A 323 -4.87 -4.22 7.68
C LEU A 323 -6.11 -3.94 8.54
N LEU A 324 -5.90 -3.59 9.81
CA LEU A 324 -7.00 -3.28 10.71
C LEU A 324 -7.59 -1.90 10.47
N GLY A 325 -6.98 -1.07 9.62
CA GLY A 325 -7.48 0.26 9.35
C GLY A 325 -6.96 1.36 10.26
N ASP A 326 -5.97 1.08 11.10
CA ASP A 326 -5.45 2.10 11.99
C ASP A 326 -4.71 3.17 11.19
N PRO A 327 -4.70 4.42 11.68
CA PRO A 327 -4.07 5.51 10.90
C PRO A 327 -2.58 5.27 10.65
N THR A 328 -2.15 5.58 9.43
CA THR A 328 -0.77 5.37 9.03
C THR A 328 0.17 6.39 9.70
N PRO A 329 1.39 6.00 10.04
CA PRO A 329 2.33 6.98 10.62
C PRO A 329 2.84 7.91 9.54
N ARG A 330 3.23 9.10 9.95
CA ARG A 330 3.80 10.07 9.02
C ARG A 330 5.23 9.67 8.68
N ILE A 331 5.58 9.70 7.40
CA ILE A 331 6.93 9.40 6.94
C ILE A 331 7.61 10.73 6.61
N SER A 332 8.60 11.09 7.41
CA SER A 332 9.36 12.31 7.18
C SER A 332 10.64 12.01 6.41
N GLY A 333 11.26 13.07 5.89
CA GLY A 333 12.56 12.94 5.25
C GLY A 333 12.55 12.31 3.87
N LEU A 334 11.42 12.28 3.20
CA LEU A 334 11.36 11.66 1.89
C LEU A 334 11.91 12.62 0.84
N GLY A 335 12.40 12.04 -0.26
CA GLY A 335 12.98 12.81 -1.35
C GLY A 335 13.23 11.90 -2.55
N THR A 336 14.19 12.24 -3.39
CA THR A 336 14.49 11.42 -4.57
C THR A 336 14.98 10.04 -4.15
N ALA A 337 14.60 9.02 -4.92
CA ALA A 337 15.29 7.75 -4.86
C ALA A 337 16.75 7.94 -5.26
N CYS A 338 17.62 7.07 -4.79
CA CYS A 338 19.03 7.17 -5.19
C CYS A 338 19.20 6.79 -6.67
N ASP A 339 20.37 7.15 -7.21
CA ASP A 339 20.64 6.97 -8.63
C ASP A 339 20.52 5.51 -9.05
N SER A 340 21.10 4.60 -8.26
CA SER A 340 20.97 3.18 -8.55
C SER A 340 19.51 2.74 -8.65
N ALA A 341 18.67 3.21 -7.72
CA ALA A 341 17.25 2.86 -7.76
C ALA A 341 16.57 3.50 -8.95
N LEU A 342 16.90 4.76 -9.25
CA LEU A 342 16.30 5.40 -10.42
C LEU A 342 16.69 4.69 -11.70
N GLU A 343 17.91 4.16 -11.75
CA GLU A 343 18.33 3.37 -12.90
C GLU A 343 17.51 2.09 -13.03
N SER A 344 17.36 1.34 -11.92
CA SER A 344 16.53 0.14 -11.95
C SER A 344 15.09 0.48 -12.36
N ILE A 345 14.56 1.58 -11.83
CA ILE A 345 13.17 1.97 -12.12
C ILE A 345 12.99 2.33 -13.58
N GLN A 346 13.90 3.16 -14.12
CA GLN A 346 13.75 3.55 -15.53
C GLN A 346 13.95 2.36 -16.46
N ASN A 347 14.81 1.41 -16.07
CA ASN A 347 15.04 0.23 -16.91
C ASN A 347 13.82 -0.70 -16.92
N VAL A 348 13.18 -0.91 -15.76
CA VAL A 348 12.00 -1.77 -15.77
C VAL A 348 10.84 -1.06 -16.46
N ARG A 349 10.70 0.25 -16.27
CA ARG A 349 9.61 0.96 -16.96
C ARG A 349 9.77 0.90 -18.47
N ASN A 350 11.02 0.89 -18.96
CA ASN A 350 11.26 0.91 -20.40
C ASN A 350 10.96 -0.45 -21.03
N VAL A 351 11.45 -1.54 -20.43
CA VAL A 351 11.15 -2.86 -20.99
C VAL A 351 9.67 -3.20 -20.80
N GLN A 352 9.03 -2.67 -19.76
CA GLN A 352 7.61 -2.93 -19.58
C GLN A 352 6.72 -2.02 -20.43
N SER A 353 7.29 -1.05 -21.16
CA SER A 353 6.50 -0.10 -21.93
C SER A 353 5.74 -0.77 -23.06
N SER A 354 6.16 -1.95 -23.50
CA SER A 354 5.44 -2.66 -24.55
C SER A 354 4.12 -3.23 -24.05
N TYR A 355 3.92 -3.34 -22.72
CA TYR A 355 2.81 -4.12 -22.18
C TYR A 355 1.84 -3.33 -21.33
N TRP A 356 2.22 -2.17 -20.80
CA TRP A 356 1.39 -1.48 -19.84
C TRP A 356 1.15 -0.06 -20.30
N SER A 357 -0.12 0.37 -20.22
CA SER A 357 -0.53 1.70 -20.67
C SER A 357 0.20 2.81 -19.93
N SER A 358 0.44 2.64 -18.63
CA SER A 358 1.09 3.70 -17.85
C SER A 358 2.49 4.02 -18.35
N PHE A 359 3.15 3.07 -19.04
CA PHE A 359 4.51 3.23 -19.52
C PHE A 359 4.59 3.41 -21.03
N LYS A 360 3.46 3.30 -21.76
CA LYS A 360 3.50 3.22 -23.23
C LYS A 360 4.07 4.49 -23.87
N HIS A 361 3.88 5.65 -23.22
CA HIS A 361 4.46 6.88 -23.75
C HIS A 361 5.98 6.83 -23.82
N LEU A 362 6.63 5.96 -23.04
CA LEU A 362 8.08 5.85 -23.10
C LEU A 362 8.58 5.24 -24.40
N ALA A 363 7.72 4.58 -25.19
CA ALA A 363 8.15 3.77 -26.33
C ALA A 363 8.34 4.58 -27.61
N GLN A 364 7.90 5.84 -27.68
CA GLN A 364 8.07 6.67 -28.86
C GLN A 364 8.63 8.02 -28.47
N SER A 365 9.46 8.58 -29.35
CA SER A 365 10.11 9.86 -29.06
C SER A 365 9.11 11.01 -29.02
N GLU A 366 8.03 10.93 -29.82
CA GLU A 366 6.97 11.93 -29.76
C GLU A 366 6.37 12.01 -28.36
N THR A 367 6.06 10.85 -27.77
CA THR A 367 5.37 10.81 -26.48
C THR A 367 6.32 11.00 -25.30
N ASN A 368 7.56 10.51 -25.41
CA ASN A 368 8.67 10.71 -24.47
C ASN A 368 9.79 9.69 -24.75
N ASP A 399 25.87 -2.97 15.56
CA ASP A 399 24.43 -3.26 15.60
C ASP A 399 23.62 -2.02 15.21
N ILE A 400 22.67 -2.19 14.29
CA ILE A 400 21.90 -1.08 13.74
C ILE A 400 20.80 -0.68 14.73
N VAL A 401 20.52 0.63 14.81
CA VAL A 401 19.55 1.17 15.76
C VAL A 401 18.71 2.22 15.05
N TRP A 402 17.43 2.29 15.40
CA TRP A 402 16.50 3.26 14.82
C TRP A 402 15.40 3.55 15.84
N PRO A 403 14.73 4.68 15.72
CA PRO A 403 13.71 5.03 16.71
C PRO A 403 12.51 4.09 16.67
N GLU A 404 12.00 3.76 17.86
CA GLU A 404 10.86 2.87 17.97
C GLU A 404 9.62 3.51 17.36
N PRO A 405 8.83 2.76 16.60
CA PRO A 405 7.63 3.34 15.98
C PRO A 405 6.65 3.84 17.03
N LEU A 406 6.02 4.98 16.72
CA LEU A 406 5.02 5.58 17.61
C LEU A 406 3.78 4.70 17.65
N LYS A 407 2.92 4.97 18.64
CA LYS A 407 1.68 4.23 18.76
C LYS A 407 0.71 4.61 17.62
N ARG A 408 -0.07 3.64 17.17
CA ARG A 408 -1.10 3.86 16.15
C ARG A 408 -2.42 3.41 16.76
N MET A 409 -3.19 4.37 17.28
CA MET A 409 -4.44 4.03 17.93
C MET A 409 -5.61 4.46 17.06
N PRO A 410 -6.58 3.58 16.81
CA PRO A 410 -7.76 3.99 16.03
C PRO A 410 -8.61 5.02 16.78
N ALA A 411 -9.25 5.90 16.01
CA ALA A 411 -10.11 6.93 16.58
C ALA A 411 -11.42 6.32 17.09
N SER A 412 -11.96 6.91 18.16
CA SER A 412 -13.27 6.53 18.71
C SER A 412 -14.32 6.52 17.61
N VAL A 413 -14.66 7.72 17.15
CA VAL A 413 -15.36 7.96 15.90
C VAL A 413 -14.29 8.24 14.87
N ARG A 414 -14.19 7.40 13.85
CA ARG A 414 -13.21 7.66 12.79
C ARG A 414 -13.58 8.90 12.00
N THR A 415 -14.83 8.98 11.55
CA THR A 415 -15.30 10.02 10.64
C THR A 415 -16.50 10.72 11.24
N VAL A 416 -16.45 12.06 11.30
CA VAL A 416 -17.62 12.87 11.63
C VAL A 416 -18.15 13.47 10.34
N VAL A 417 -19.47 13.63 10.26
CA VAL A 417 -20.15 14.11 9.06
C VAL A 417 -21.12 15.21 9.45
N VAL A 418 -21.22 16.23 8.60
CA VAL A 418 -22.17 17.32 8.81
C VAL A 418 -22.95 17.53 7.52
N PRO A 419 -24.02 16.78 7.28
CA PRO A 419 -24.87 17.01 6.08
C PRO A 419 -25.64 18.32 6.21
N PRO A 420 -26.34 18.75 5.16
CA PRO A 420 -27.15 19.96 5.27
C PRO A 420 -28.18 19.83 6.37
N PRO A 421 -28.68 20.94 6.92
CA PRO A 421 -29.66 20.87 8.00
C PRO A 421 -30.89 20.08 7.57
N GLY A 422 -31.24 19.07 8.36
CA GLY A 422 -32.41 18.25 8.08
C GLY A 422 -32.10 16.87 7.51
N VAL A 423 -31.12 16.79 6.61
CA VAL A 423 -30.81 15.52 5.96
C VAL A 423 -30.24 14.55 6.99
N GLU A 424 -30.88 13.41 7.14
CA GLU A 424 -30.35 12.30 7.93
C GLU A 424 -29.88 11.20 7.00
N LEU A 425 -28.69 10.68 7.27
CA LEU A 425 -28.08 9.68 6.42
C LEU A 425 -27.82 8.42 7.23
N THR A 426 -27.79 7.28 6.54
CA THR A 426 -27.41 6.03 7.16
C THR A 426 -25.88 5.95 7.20
N LEU A 427 -25.34 5.75 8.40
CA LEU A 427 -23.90 5.89 8.60
C LEU A 427 -23.26 4.58 9.02
N PRO A 428 -22.05 4.29 8.52
CA PRO A 428 -21.27 3.17 9.05
C PRO A 428 -21.09 3.28 10.55
N LYS A 429 -20.81 2.15 11.22
CA LYS A 429 -20.82 2.12 12.69
C LYS A 429 -19.74 3.01 13.28
N ASN A 430 -18.74 3.41 12.50
CA ASN A 430 -17.66 4.26 12.98
C ASN A 430 -17.75 5.68 12.44
N CYS A 431 -18.97 6.14 12.13
CA CYS A 431 -19.22 7.52 11.75
C CYS A 431 -20.28 8.12 12.64
N GLN A 432 -20.25 9.45 12.76
CA GLN A 432 -21.20 10.19 13.59
C GLN A 432 -21.54 11.50 12.91
N HIS A 433 -22.77 11.96 13.11
CA HIS A 433 -23.07 13.36 12.86
C HIS A 433 -22.33 14.22 13.87
N SER A 434 -22.15 15.49 13.55
CA SER A 434 -21.53 16.39 14.52
C SER A 434 -21.86 17.84 14.19
N GLY A 435 -23.03 18.30 14.61
CA GLY A 435 -23.46 19.66 14.31
C GLY A 435 -23.60 20.55 15.53
N ASP A 436 -23.26 20.02 16.71
CA ASP A 436 -23.47 20.72 17.98
C ASP A 436 -22.32 21.70 18.24
N ILE A 437 -22.52 22.97 17.88
CA ILE A 437 -21.54 24.00 18.13
C ILE A 437 -21.53 24.38 19.61
N SER A 438 -20.35 24.42 20.21
CA SER A 438 -20.24 24.78 21.62
C SER A 438 -20.14 26.30 21.77
N GLU A 439 -20.13 26.76 23.03
CA GLU A 439 -20.11 28.20 23.28
C GLU A 439 -18.78 28.82 22.82
N SER A 440 -17.66 28.17 23.16
CA SER A 440 -16.36 28.66 22.74
C SER A 440 -16.27 28.71 21.21
N THR A 441 -16.77 27.68 20.54
CA THR A 441 -16.74 27.67 19.08
C THR A 441 -17.59 28.80 18.51
N ALA A 442 -18.76 29.05 19.10
CA ALA A 442 -19.65 30.11 18.60
C ALA A 442 -19.05 31.50 18.79
N LYS A 443 -18.25 31.69 19.85
CA LYS A 443 -17.55 32.97 20.03
C LYS A 443 -16.50 33.19 18.95
N GLU A 444 -15.79 32.13 18.56
CA GLU A 444 -14.77 32.25 17.52
C GLU A 444 -15.40 32.61 16.17
N VAL A 445 -16.58 32.07 15.88
CA VAL A 445 -17.18 32.34 14.58
C VAL A 445 -17.52 33.81 14.43
N GLN A 446 -18.06 34.44 15.48
CA GLN A 446 -18.35 35.87 15.35
C GLN A 446 -17.09 36.71 15.44
N ARG A 447 -16.13 36.31 16.28
CA ARG A 447 -14.80 36.93 16.23
C ARG A 447 -14.27 36.98 14.81
N ILE A 448 -14.24 35.82 14.13
CA ILE A 448 -13.80 35.75 12.74
C ILE A 448 -14.68 36.60 11.83
N ARG A 449 -16.00 36.52 12.02
CA ARG A 449 -16.91 37.32 11.20
C ARG A 449 -16.66 38.81 11.41
N ASP A 450 -16.51 39.22 12.67
CA ASP A 450 -16.36 40.64 12.96
C ASP A 450 -15.06 41.21 12.38
N LYS A 451 -14.02 40.37 12.23
CA LYS A 451 -12.73 40.85 11.75
C LYS A 451 -12.58 40.73 10.23
N HIS A 452 -12.91 39.58 9.65
CA HIS A 452 -12.59 39.31 8.25
C HIS A 452 -13.78 39.28 7.31
N PHE A 453 -15.01 39.14 7.82
CA PHE A 453 -16.21 39.16 6.97
C PHE A 453 -17.24 40.05 7.67
N HIS A 454 -17.06 41.37 7.55
CA HIS A 454 -17.98 42.34 8.15
C HIS A 454 -19.41 42.08 7.74
N ASP A 455 -19.71 42.26 6.45
CA ASP A 455 -21.08 42.26 5.95
C ASP A 455 -21.50 40.86 5.49
N LEU A 456 -21.45 39.90 6.43
CA LEU A 456 -21.94 38.55 6.20
C LEU A 456 -23.00 38.22 7.24
N THR A 457 -24.23 37.99 6.78
CA THR A 457 -25.38 37.73 7.63
C THR A 457 -25.93 36.32 7.50
N ASP A 458 -25.82 35.72 6.31
CA ASP A 458 -26.26 34.37 6.01
C ASP A 458 -25.95 33.39 7.14
N GLN A 459 -26.97 33.03 7.92
CA GLN A 459 -26.77 32.09 9.02
C GLN A 459 -26.51 30.66 8.55
N ASN A 460 -26.75 30.35 7.27
CA ASN A 460 -26.34 29.05 6.74
C ASN A 460 -24.82 28.98 6.61
N ILE A 461 -24.19 30.06 6.13
CA ILE A 461 -22.74 30.10 6.04
C ILE A 461 -22.12 30.14 7.43
N LEU A 462 -22.67 30.96 8.33
CA LEU A 462 -22.15 31.03 9.69
C LEU A 462 -22.29 29.70 10.41
N ARG A 463 -23.30 28.92 10.04
CA ARG A 463 -23.44 27.57 10.60
C ARG A 463 -22.32 26.66 10.11
N SER A 464 -21.99 26.73 8.80
CA SER A 464 -20.97 25.84 8.25
C SER A 464 -19.60 26.13 8.85
N LEU A 465 -19.33 27.40 9.20
CA LEU A 465 -18.05 27.75 9.82
C LEU A 465 -18.00 27.32 11.28
N GLY A 466 -19.13 27.31 11.97
CA GLY A 466 -19.17 26.65 13.25
C GLY A 466 -18.91 25.16 13.10
N ASN A 467 -19.42 24.56 12.02
CA ASN A 467 -19.21 23.13 11.78
C ASN A 467 -17.74 22.84 11.48
N ILE A 468 -17.13 23.64 10.60
CA ILE A 468 -15.74 23.42 10.21
C ILE A 468 -14.83 23.50 11.44
N ILE A 469 -14.97 24.56 12.23
CA ILE A 469 -14.09 24.73 13.38
C ILE A 469 -14.33 23.64 14.42
N SER A 470 -15.59 23.25 14.62
CA SER A 470 -15.87 22.19 15.59
C SER A 470 -15.31 20.85 15.11
N VAL A 471 -15.46 20.54 13.82
CA VAL A 471 -14.92 19.29 13.29
C VAL A 471 -13.39 19.31 13.31
N LEU A 472 -12.79 20.43 12.90
CA LEU A 472 -11.33 20.55 12.90
C LEU A 472 -10.75 20.37 14.29
N ASP A 473 -11.38 20.99 15.29
CA ASP A 473 -10.87 20.89 16.66
C ASP A 473 -10.96 19.46 17.18
N ARG A 474 -12.03 18.75 16.83
CA ARG A 474 -12.11 17.34 17.21
C ARG A 474 -11.03 16.52 16.52
N MET A 475 -10.74 16.83 15.24
CA MET A 475 -9.74 16.09 14.49
C MET A 475 -8.34 16.25 15.07
N MET A 476 -7.95 17.49 15.39
CA MET A 476 -6.58 17.77 15.79
C MET A 476 -6.32 17.61 17.29
N ARG A 477 -7.24 18.08 18.13
CA ARG A 477 -7.01 18.02 19.57
C ARG A 477 -7.23 16.62 20.14
N SER A 478 -7.98 15.76 19.46
CA SER A 478 -8.34 14.46 19.97
C SER A 478 -7.75 13.34 19.11
N ASP A 479 -7.29 12.28 19.77
CA ASP A 479 -6.96 11.02 19.13
C ASP A 479 -8.20 10.19 18.83
N GLU A 480 -9.40 10.73 19.09
CA GLU A 480 -10.63 9.94 19.04
C GLU A 480 -11.63 10.47 18.01
N VAL A 481 -11.25 11.46 17.22
CA VAL A 481 -11.83 11.70 15.89
C VAL A 481 -10.67 11.83 14.90
N CYS A 482 -10.77 11.14 13.76
CA CYS A 482 -9.64 11.13 12.84
C CYS A 482 -9.88 12.09 11.66
N ASN A 483 -10.97 11.94 10.91
CA ASN A 483 -11.23 12.82 9.79
C ASN A 483 -12.71 13.22 9.77
N GLY A 484 -13.11 13.95 8.74
CA GLY A 484 -14.47 14.46 8.70
C GLY A 484 -14.82 14.99 7.32
N CYS A 485 -16.11 15.24 7.14
CA CYS A 485 -16.62 15.81 5.90
C CYS A 485 -17.76 16.77 6.22
N VAL A 486 -17.70 17.98 5.66
CA VAL A 486 -18.72 19.01 5.88
C VAL A 486 -19.25 19.46 4.53
N VAL A 487 -20.58 19.52 4.40
CA VAL A 487 -21.23 20.15 3.24
C VAL A 487 -21.39 21.63 3.54
N VAL A 488 -21.03 22.47 2.56
CA VAL A 488 -20.98 23.91 2.78
C VAL A 488 -21.68 24.62 1.63
N SER A 489 -22.01 25.89 1.88
CA SER A 489 -22.71 26.77 0.96
C SER A 489 -21.74 27.59 0.12
N ASP A 490 -20.94 28.41 0.79
CA ASP A 490 -20.03 29.34 0.13
C ASP A 490 -18.61 28.79 0.24
N LEU A 491 -17.93 28.68 -0.90
CA LEU A 491 -16.60 28.09 -0.89
C LEU A 491 -15.58 29.06 -0.27
N SER A 492 -15.52 30.30 -0.77
CA SER A 492 -14.46 31.21 -0.35
C SER A 492 -14.38 31.34 1.17
N VAL A 493 -15.50 31.63 1.83
CA VAL A 493 -15.48 31.83 3.27
C VAL A 493 -15.12 30.54 3.99
N SER A 494 -15.69 29.42 3.55
CA SER A 494 -15.43 28.14 4.20
C SER A 494 -13.96 27.73 4.08
N VAL A 495 -13.39 27.86 2.88
CA VAL A 495 -11.98 27.50 2.69
C VAL A 495 -11.08 28.32 3.60
N GLN A 496 -11.27 29.64 3.61
CA GLN A 496 -10.45 30.52 4.43
C GLN A 496 -10.46 30.07 5.89
N CYS A 497 -11.65 29.91 6.49
CA CYS A 497 -11.69 29.56 7.91
C CYS A 497 -11.13 28.17 8.15
N ALA A 498 -11.42 27.22 7.27
CA ALA A 498 -10.84 25.89 7.39
C ALA A 498 -9.32 25.98 7.35
N LEU A 499 -8.79 26.60 6.30
CA LEU A 499 -7.34 26.68 6.12
C LEU A 499 -6.69 27.51 7.22
N GLN A 500 -7.24 28.70 7.48
CA GLN A 500 -6.65 29.57 8.50
C GLN A 500 -6.74 28.94 9.89
N HIS A 501 -7.87 28.28 10.20
CA HIS A 501 -7.98 27.69 11.54
C HIS A 501 -7.04 26.51 11.68
N ALA A 502 -6.76 25.81 10.58
CA ALA A 502 -5.77 24.74 10.61
C ALA A 502 -4.37 25.30 10.78
N LEU A 503 -4.04 26.40 10.08
CA LEU A 503 -2.70 26.96 10.14
C LEU A 503 -2.40 27.57 11.51
N THR A 504 -3.43 28.02 12.23
CA THR A 504 -3.26 28.60 13.56
C THR A 504 -3.29 27.56 14.69
N GLU A 505 -3.77 26.35 14.42
CA GLU A 505 -3.87 25.32 15.46
C GLU A 505 -2.59 25.10 16.27
N PRO A 506 -1.38 25.00 15.66
CA PRO A 506 -1.01 25.02 14.25
C PRO A 506 -0.72 23.63 13.66
N ALA A 507 -1.17 23.44 12.43
CA ALA A 507 -0.70 22.33 11.59
C ALA A 507 0.43 22.85 10.73
N GLU A 508 1.64 22.31 10.93
CA GLU A 508 2.83 22.83 10.26
C GLU A 508 2.61 22.98 8.75
N ARG A 509 2.05 21.96 8.10
CA ARG A 509 1.84 21.99 6.67
C ARG A 509 0.47 21.44 6.34
N VAL A 510 -0.15 22.01 5.31
CA VAL A 510 -1.49 21.61 4.89
C VAL A 510 -1.46 21.32 3.40
N LEU A 511 -1.89 20.11 3.02
CA LEU A 511 -2.10 19.79 1.61
C LEU A 511 -3.56 20.06 1.28
N VAL A 512 -3.77 20.83 0.21
CA VAL A 512 -5.11 21.16 -0.26
C VAL A 512 -5.31 20.48 -1.60
N VAL A 513 -6.41 19.74 -1.73
CA VAL A 513 -6.76 19.04 -2.97
C VAL A 513 -8.12 19.57 -3.42
N TYR A 514 -8.14 20.24 -4.57
CA TYR A 514 -9.31 21.01 -4.98
C TYR A 514 -9.75 20.57 -6.36
N VAL A 515 -10.97 20.06 -6.45
CA VAL A 515 -11.60 19.71 -7.73
C VAL A 515 -12.54 20.85 -8.08
N GLY A 516 -12.16 21.64 -9.08
CA GLY A 516 -12.96 22.78 -9.47
C GLY A 516 -12.12 23.78 -10.22
N ASP A 517 -12.75 24.90 -10.56
CA ASP A 517 -12.10 25.94 -11.34
C ASP A 517 -12.15 27.27 -10.60
N GLY A 518 -11.28 28.18 -11.02
CA GLY A 518 -11.13 29.44 -10.33
C GLY A 518 -10.10 29.36 -9.22
N GLU A 519 -9.86 30.49 -8.58
CA GLU A 519 -8.90 30.58 -7.51
C GLU A 519 -9.60 30.58 -6.16
N LEU A 520 -8.93 30.06 -5.16
CA LEU A 520 -9.41 30.01 -3.79
C LEU A 520 -8.60 30.93 -2.90
N PRO A 521 -9.13 31.33 -1.74
CA PRO A 521 -8.33 32.09 -0.78
C PRO A 521 -7.21 31.26 -0.18
N VAL A 522 -6.27 30.81 -1.02
CA VAL A 522 -5.17 29.93 -0.62
C VAL A 522 -3.87 30.56 -1.08
N LYS A 523 -2.99 30.86 -0.12
CA LYS A 523 -1.67 31.41 -0.43
C LYS A 523 -0.64 30.29 -0.32
N THR A 524 0.11 30.06 -1.40
CA THR A 524 1.17 29.06 -1.44
C THR A 524 2.55 29.70 -1.52
N ASN A 525 2.73 30.83 -0.83
CA ASN A 525 3.96 31.61 -0.92
C ASN A 525 4.81 31.51 0.34
N ASP A 526 4.54 30.56 1.23
CA ASP A 526 5.33 30.40 2.44
C ASP A 526 5.83 28.98 2.65
N GLY A 527 5.49 28.05 1.77
CA GLY A 527 5.86 26.67 1.94
C GLY A 527 5.10 25.91 3.00
N LYS A 528 4.04 26.49 3.56
CA LYS A 528 3.22 25.76 4.51
C LYS A 528 2.02 25.11 3.84
N VAL A 529 1.72 25.46 2.60
CA VAL A 529 0.60 24.91 1.85
C VAL A 529 1.10 24.42 0.50
N PHE A 530 0.71 23.21 0.14
CA PHE A 530 0.82 22.76 -1.25
C PHE A 530 -0.59 22.56 -1.79
N LEU A 531 -0.82 23.03 -3.02
CA LEU A 531 -2.16 22.99 -3.61
C LEU A 531 -2.18 22.10 -4.85
N VAL A 532 -2.94 21.00 -4.78
CA VAL A 532 -3.28 20.21 -5.97
C VAL A 532 -4.62 20.69 -6.48
N GLN A 533 -4.69 21.06 -7.75
CA GLN A 533 -5.95 21.48 -8.34
C GLN A 533 -6.22 20.68 -9.60
N ILE A 534 -7.42 20.10 -9.68
CA ILE A 534 -7.89 19.35 -10.84
C ILE A 534 -9.02 20.17 -11.46
N CYS A 535 -8.75 20.81 -12.59
CA CYS A 535 -9.64 21.78 -13.20
C CYS A 535 -10.01 21.35 -14.61
N THR A 536 -10.75 22.23 -15.29
CA THR A 536 -11.20 22.00 -16.66
C THR A 536 -10.50 22.88 -17.68
N LYS A 537 -10.06 24.07 -17.29
CA LYS A 537 -9.37 24.99 -18.19
C LYS A 537 -7.87 24.95 -17.94
N GLU A 538 -7.10 25.03 -19.02
CA GLU A 538 -5.64 24.99 -18.90
C GLU A 538 -5.13 26.29 -18.32
N THR A 539 -4.38 26.20 -17.22
CA THR A 539 -3.85 27.35 -16.52
C THR A 539 -2.33 27.29 -16.46
N GLU A 540 -1.70 28.45 -16.55
CA GLU A 540 -0.25 28.52 -16.40
C GLU A 540 0.13 28.23 -14.95
N ASP A 541 1.18 27.42 -14.76
CA ASP A 541 1.65 27.04 -13.44
C ASP A 541 2.99 27.72 -13.18
N LYS A 542 3.01 28.62 -12.20
CA LYS A 542 4.14 29.51 -12.01
C LYS A 542 5.20 28.93 -11.06
N CYS A 543 4.79 28.52 -9.85
CA CYS A 543 5.76 28.12 -8.84
C CYS A 543 5.58 26.63 -8.51
N VAL A 544 6.42 26.16 -7.59
CA VAL A 544 6.57 24.73 -7.36
C VAL A 544 5.79 24.25 -6.15
N ASN A 545 4.85 25.06 -5.64
CA ASN A 545 4.00 24.58 -4.55
C ASN A 545 2.55 24.43 -4.99
N ARG A 546 2.34 24.33 -6.30
CA ARG A 546 1.04 24.14 -6.93
C ARG A 546 1.21 23.09 -8.02
N LEU A 547 0.24 22.19 -8.11
CA LEU A 547 0.18 21.22 -9.20
C LEU A 547 -1.21 21.34 -9.81
N THR A 548 -1.25 21.75 -11.07
CA THR A 548 -2.51 21.99 -11.77
C THR A 548 -2.67 20.98 -12.89
N LEU A 549 -3.76 20.23 -12.84
CA LEU A 549 -4.03 19.14 -13.77
C LEU A 549 -5.31 19.47 -14.52
N CYS A 550 -5.18 19.85 -15.78
CA CYS A 550 -6.33 20.06 -16.66
C CYS A 550 -6.45 18.84 -17.56
N LEU A 551 -7.39 17.97 -17.24
CA LEU A 551 -7.60 16.74 -17.99
C LEU A 551 -8.74 16.91 -18.99
N ARG A 552 -8.55 16.39 -20.20
CA ARG A 552 -9.55 16.50 -21.25
C ARG A 552 -10.84 15.78 -20.83
N GLU A 553 -11.97 16.45 -21.04
CA GLU A 553 -13.27 15.84 -20.79
C GLU A 553 -13.53 14.73 -21.79
N GLY A 554 -13.97 13.58 -21.31
CA GLY A 554 -14.23 12.47 -22.20
C GLY A 554 -14.15 11.14 -21.48
N GLU A 555 -14.22 10.08 -22.28
CA GLU A 555 -14.34 8.73 -21.74
C GLU A 555 -13.10 8.26 -21.00
N SER A 556 -11.95 8.91 -21.22
CA SER A 556 -10.69 8.48 -20.64
C SER A 556 -10.27 9.32 -19.45
N LEU A 557 -11.18 10.11 -18.87
CA LEU A 557 -10.82 10.91 -17.70
C LEU A 557 -10.43 10.02 -16.52
N THR A 558 -11.05 8.84 -16.39
CA THR A 558 -10.79 8.00 -15.23
C THR A 558 -9.34 7.50 -15.21
N ALA A 559 -8.85 7.00 -16.34
CA ALA A 559 -7.49 6.49 -16.38
C ALA A 559 -6.48 7.63 -16.24
N GLY A 560 -6.76 8.77 -16.84
CA GLY A 560 -5.85 9.90 -16.72
C GLY A 560 -5.73 10.39 -15.28
N PHE A 561 -6.86 10.44 -14.58
CA PHE A 561 -6.83 10.85 -13.18
C PHE A 561 -6.02 9.87 -12.35
N MET A 562 -6.23 8.56 -12.57
CA MET A 562 -5.49 7.56 -11.80
C MET A 562 -3.99 7.63 -12.09
N GLN A 563 -3.62 7.89 -13.35
CA GLN A 563 -2.21 8.06 -13.65
C GLN A 563 -1.63 9.28 -12.95
N ALA A 564 -2.37 10.39 -12.97
CA ALA A 564 -1.94 11.58 -12.23
C ALA A 564 -1.83 11.29 -10.74
N LEU A 565 -2.80 10.54 -10.19
CA LEU A 565 -2.81 10.31 -8.74
C LEU A 565 -1.60 9.52 -8.29
N LEU A 566 -1.28 8.43 -9.01
CA LEU A 566 -0.18 7.55 -8.61
C LEU A 566 1.18 8.16 -8.96
N GLY A 567 1.25 8.90 -10.06
CA GLY A 567 2.54 9.30 -10.61
C GLY A 567 2.94 10.71 -10.28
N LEU A 568 1.97 11.54 -9.87
CA LEU A 568 2.24 12.94 -9.55
C LEU A 568 1.74 13.32 -8.17
N ILE A 569 0.44 13.12 -7.91
CA ILE A 569 -0.13 13.63 -6.66
C ILE A 569 0.49 12.93 -5.45
N LEU A 570 0.47 11.60 -5.44
CA LEU A 570 0.99 10.89 -4.27
C LEU A 570 2.48 11.14 -4.03
N PRO A 571 3.38 11.10 -5.03
CA PRO A 571 4.78 11.42 -4.74
C PRO A 571 4.96 12.78 -4.10
N VAL A 572 4.31 13.83 -4.60
CA VAL A 572 4.49 15.15 -4.00
C VAL A 572 3.91 15.18 -2.59
N ALA A 573 2.69 14.64 -2.42
CA ALA A 573 2.04 14.69 -1.10
C ALA A 573 2.89 13.96 -0.07
N TYR A 574 3.47 12.83 -0.45
CA TYR A 574 4.29 12.06 0.48
C TYR A 574 5.56 12.80 0.84
N GLU A 575 6.17 13.50 -0.13
CA GLU A 575 7.35 14.28 0.22
C GLU A 575 6.98 15.51 1.05
N PHE A 576 5.91 16.21 0.65
CA PHE A 576 5.44 17.36 1.41
C PHE A 576 5.18 17.01 2.88
N ASN A 577 4.58 15.84 3.14
CA ASN A 577 4.29 15.33 4.48
C ASN A 577 3.40 16.31 5.26
N PRO A 578 2.16 16.53 4.83
CA PRO A 578 1.30 17.51 5.51
C PRO A 578 0.86 17.01 6.88
N ALA A 579 0.43 17.95 7.72
CA ALA A 579 -0.19 17.60 8.99
C ALA A 579 -1.69 17.49 8.88
N LEU A 580 -2.27 18.06 7.83
CA LEU A 580 -3.70 17.98 7.56
C LEU A 580 -3.85 17.98 6.05
N VAL A 581 -4.87 17.26 5.57
CA VAL A 581 -5.29 17.31 4.18
C VAL A 581 -6.65 17.99 4.14
N LEU A 582 -6.81 18.95 3.24
CA LEU A 582 -8.07 19.65 3.06
C LEU A 582 -8.57 19.37 1.65
N GLY A 583 -9.68 18.64 1.55
CA GLY A 583 -10.28 18.32 0.26
C GLY A 583 -11.45 19.24 -0.02
N ILE A 584 -11.59 19.65 -1.28
CA ILE A 584 -12.57 20.66 -1.68
C ILE A 584 -13.12 20.28 -3.04
N VAL A 585 -14.44 20.18 -3.15
CA VAL A 585 -15.11 19.89 -4.42
C VAL A 585 -16.17 20.95 -4.64
N GLU A 586 -16.10 21.64 -5.78
CA GLU A 586 -17.13 22.60 -6.10
C GLU A 586 -18.33 21.90 -6.73
N GLU A 587 -19.52 22.49 -6.53
CA GLU A 587 -20.77 21.84 -6.90
C GLU A 587 -20.85 21.53 -8.40
N THR A 588 -20.28 22.40 -9.24
CA THR A 588 -20.34 22.17 -10.69
C THR A 588 -19.69 20.85 -11.09
N ALA A 589 -18.62 20.45 -10.39
CA ALA A 589 -17.91 19.21 -10.68
C ALA A 589 -18.38 18.08 -9.77
N LEU A 594 -17.37 12.76 -13.18
CA LEU A 594 -16.08 12.08 -13.24
C LEU A 594 -15.53 11.82 -11.84
N MET A 595 -16.42 11.88 -10.86
CA MET A 595 -16.06 11.53 -9.48
C MET A 595 -16.44 10.09 -9.16
N ARG A 596 -16.01 9.17 -10.02
CA ARG A 596 -15.97 7.75 -9.69
C ARG A 596 -14.55 7.31 -9.36
N VAL A 597 -13.62 8.26 -9.31
CA VAL A 597 -12.28 8.05 -8.75
C VAL A 597 -12.13 8.69 -7.38
N TRP A 598 -13.13 9.45 -6.93
CA TRP A 598 -13.01 10.19 -5.69
C TRP A 598 -12.79 9.28 -4.50
N GLY A 599 -13.37 8.07 -4.54
CA GLY A 599 -13.17 7.14 -3.44
C GLY A 599 -11.76 6.61 -3.36
N HIS A 600 -11.13 6.35 -4.51
CA HIS A 600 -9.75 5.87 -4.52
C HIS A 600 -8.80 6.93 -4.00
N MET A 601 -8.97 8.17 -4.44
CA MET A 601 -8.12 9.24 -3.94
C MET A 601 -8.28 9.41 -2.44
N THR A 602 -9.53 9.44 -1.96
CA THR A 602 -9.78 9.63 -0.54
C THR A 602 -9.13 8.52 0.29
N CYS A 603 -9.20 7.28 -0.16
CA CYS A 603 -8.52 6.19 0.53
C CYS A 603 -7.01 6.36 0.47
N LEU A 604 -6.48 6.60 -0.73
CA LEU A 604 -5.03 6.67 -0.87
C LEU A 604 -4.45 7.89 -0.14
N ILE A 605 -5.12 9.04 -0.24
CA ILE A 605 -4.63 10.25 0.39
C ILE A 605 -4.63 10.14 1.92
N GLN A 606 -5.37 9.18 2.49
CA GLN A 606 -5.25 8.99 3.94
C GLN A 606 -3.93 8.36 4.37
N GLY A 607 -3.02 8.02 3.45
CA GLY A 607 -1.64 7.75 3.82
C GLY A 607 -0.92 8.97 4.39
N LEU A 608 -1.44 10.17 4.14
CA LEU A 608 -0.84 11.41 4.61
C LEU A 608 -1.53 11.88 5.89
N ALA A 609 -0.76 12.59 6.72
CA ALA A 609 -1.30 13.29 7.89
C ALA A 609 -2.00 12.35 8.87
N ARG A 610 -1.52 11.10 8.97
CA ARG A 610 -2.17 10.06 9.78
C ARG A 610 -3.67 9.98 9.55
N GLY A 611 -4.08 10.23 8.31
CA GLY A 611 -5.47 10.11 7.91
C GLY A 611 -6.33 11.31 8.20
N ARG A 612 -5.77 12.40 8.73
CA ARG A 612 -6.52 13.60 9.12
C ARG A 612 -6.84 14.40 7.87
N MET A 613 -8.03 14.18 7.32
CA MET A 613 -8.52 14.86 6.14
C MET A 613 -9.86 15.50 6.43
N LEU A 614 -10.01 16.78 6.10
CA LEU A 614 -11.28 17.46 6.11
C LEU A 614 -11.70 17.68 4.66
N THR A 615 -12.87 17.18 4.30
CA THR A 615 -13.42 17.39 2.96
C THR A 615 -14.60 18.33 3.02
N LEU A 616 -14.59 19.35 2.15
CA LEU A 616 -15.67 20.31 2.01
C LEU A 616 -16.36 20.03 0.67
N LEU A 617 -17.60 19.55 0.74
CA LEU A 617 -18.41 19.35 -0.46
C LEU A 617 -19.32 20.56 -0.62
N GLN A 618 -19.24 21.22 -1.78
CA GLN A 618 -20.09 22.37 -2.04
C GLN A 618 -21.41 21.89 -2.64
N GLY A 619 -22.52 22.13 -1.95
CA GLY A 619 -23.81 21.61 -2.32
C GLY A 619 -23.99 20.16 -1.92
N TYR A 620 -25.26 19.75 -1.84
CA TYR A 620 -25.60 18.37 -1.49
C TYR A 620 -25.64 17.52 -2.75
N ASP A 621 -24.80 16.50 -2.79
CA ASP A 621 -24.94 15.38 -3.72
C ASP A 621 -24.99 14.14 -2.85
N LYS A 622 -26.13 13.45 -2.84
CA LYS A 622 -26.31 12.30 -1.97
C LYS A 622 -25.20 11.27 -2.18
N ASP A 623 -24.98 10.88 -3.44
CA ASP A 623 -24.01 9.82 -3.73
C ASP A 623 -22.59 10.25 -3.41
N LEU A 624 -22.20 11.47 -3.80
CA LEU A 624 -20.85 11.93 -3.52
C LEU A 624 -20.59 11.98 -2.03
N LEU A 625 -21.60 12.37 -1.25
CA LEU A 625 -21.42 12.48 0.19
C LEU A 625 -21.29 11.10 0.85
N GLU A 626 -22.07 10.12 0.42
CA GLU A 626 -21.93 8.79 0.99
C GLU A 626 -20.64 8.11 0.55
N LEU A 627 -20.21 8.34 -0.70
CA LEU A 627 -18.92 7.82 -1.16
C LEU A 627 -17.77 8.43 -0.36
N THR A 628 -17.81 9.75 -0.12
CA THR A 628 -16.77 10.41 0.65
C THR A 628 -16.69 9.85 2.07
N VAL A 629 -17.85 9.77 2.75
CA VAL A 629 -17.88 9.25 4.11
C VAL A 629 -17.38 7.81 4.16
N SER A 630 -17.74 6.99 3.17
CA SER A 630 -17.36 5.59 3.21
C SER A 630 -15.85 5.43 3.05
N ALA A 631 -15.25 6.20 2.13
CA ALA A 631 -13.80 6.11 1.95
C ALA A 631 -13.07 6.69 3.17
N LEU A 632 -13.57 7.81 3.70
CA LEU A 632 -12.96 8.38 4.90
C LEU A 632 -13.05 7.43 6.09
N SER A 633 -14.13 6.65 6.16
CA SER A 633 -14.35 5.73 7.28
C SER A 633 -13.53 4.45 7.15
N GLY A 634 -12.81 4.26 6.04
CA GLY A 634 -11.99 3.09 5.88
C GLY A 634 -12.67 1.91 5.24
N ALA A 635 -13.90 2.06 4.75
CA ALA A 635 -14.58 0.99 4.05
C ALA A 635 -13.84 0.64 2.78
N SER A 636 -14.13 -0.55 2.25
CA SER A 636 -13.56 -0.90 0.95
C SER A 636 -14.39 -0.24 -0.16
N ILE A 637 -13.75 0.00 -1.28
CA ILE A 637 -14.40 0.71 -2.39
C ILE A 637 -14.44 -0.21 -3.60
N SER A 638 -15.41 0.04 -4.46
CA SER A 638 -15.60 -0.78 -5.64
C SER A 638 -14.37 -0.68 -6.54
N PRO A 639 -13.97 -1.76 -7.20
CA PRO A 639 -12.88 -1.67 -8.18
C PRO A 639 -13.26 -0.72 -9.30
N LEU A 640 -12.25 -0.27 -10.04
CA LEU A 640 -12.50 0.58 -11.20
C LEU A 640 -12.76 -0.21 -12.46
N GLY A 641 -12.31 -1.47 -12.52
CA GLY A 641 -12.34 -2.23 -13.75
C GLY A 641 -11.41 -1.64 -14.78
N PRO A 642 -11.90 -1.52 -16.04
CA PRO A 642 -11.17 -0.97 -17.19
C PRO A 642 -10.90 0.53 -17.08
N ARG A 644 -8.22 0.90 -18.77
CA ARG A 644 -7.97 1.30 -20.15
C ARG A 644 -6.86 2.37 -20.25
N ALA A 645 -6.78 3.06 -21.42
CA ALA A 645 -5.63 3.90 -21.71
C ALA A 645 -6.00 5.39 -21.72
N PRO A 646 -5.11 6.24 -21.22
CA PRO A 646 -5.39 7.68 -21.17
C PRO A 646 -5.03 8.40 -22.46
N LYS A 647 -5.56 9.63 -22.57
CA LYS A 647 -5.29 10.46 -23.73
C LYS A 647 -3.81 10.79 -23.82
N PRO A 648 -3.20 10.68 -25.00
CA PRO A 648 -1.82 11.18 -25.14
C PRO A 648 -1.64 12.63 -24.75
N GLU A 649 -2.62 13.49 -25.04
CA GLU A 649 -2.54 14.87 -24.60
C GLU A 649 -2.48 14.95 -23.07
N ASP A 650 -3.21 14.08 -22.39
CA ASP A 650 -3.19 14.08 -20.92
C ASP A 650 -1.86 13.61 -20.37
N VAL A 651 -1.26 12.56 -20.95
CA VAL A 651 0.02 12.12 -20.42
CA VAL A 651 0.05 12.08 -20.50
C VAL A 651 1.12 13.13 -20.74
N GLU A 652 1.04 13.82 -21.88
CA GLU A 652 1.95 14.93 -22.14
C GLU A 652 1.84 16.00 -21.07
N MET A 653 0.60 16.39 -20.73
CA MET A 653 0.39 17.39 -19.69
C MET A 653 0.99 16.93 -18.36
N MET A 654 0.82 15.64 -18.03
CA MET A 654 1.31 15.13 -16.76
C MET A 654 2.83 15.05 -16.72
N GLU A 655 3.47 14.64 -17.82
CA GLU A 655 4.93 14.60 -17.84
C GLU A 655 5.53 16.00 -17.87
N LYS A 656 4.81 16.99 -18.40
CA LYS A 656 5.27 18.37 -18.30
C LYS A 656 5.25 18.82 -16.85
N GLN A 657 4.21 18.44 -16.11
CA GLN A 657 4.18 18.73 -14.67
C GLN A 657 5.34 18.05 -13.95
N ARG A 658 5.65 16.80 -14.29
CA ARG A 658 6.79 16.13 -13.67
C ARG A 658 8.08 16.88 -13.95
N GLN A 659 8.35 17.20 -15.22
CA GLN A 659 9.58 17.91 -15.56
C GLN A 659 9.68 19.23 -14.81
N ARG A 660 8.53 19.90 -14.60
CA ARG A 660 8.53 21.20 -13.95
C ARG A 660 8.74 21.09 -12.45
N LEU A 661 8.35 19.97 -11.83
CA LEU A 661 8.31 19.88 -10.38
C LEU A 661 9.37 18.97 -9.77
N GLN A 662 9.95 18.06 -10.55
CA GLN A 662 10.76 17.01 -9.97
C GLN A 662 12.11 17.50 -9.44
N GLU A 663 12.56 18.70 -9.84
CA GLU A 663 13.78 19.22 -9.22
C GLU A 663 13.51 19.68 -7.80
N ARG A 664 12.33 20.22 -7.55
CA ARG A 664 11.96 20.55 -6.18
C ARG A 664 11.48 19.32 -5.41
N TRP A 665 10.69 18.47 -6.05
CA TRP A 665 10.09 17.31 -5.37
C TRP A 665 10.66 16.03 -5.99
N GLY A 666 11.76 15.54 -5.42
CA GLY A 666 12.53 14.48 -6.04
C GLY A 666 11.86 13.11 -6.04
N LEU A 667 10.90 12.88 -5.14
CA LEU A 667 10.14 11.64 -5.18
C LEU A 667 9.33 11.52 -6.48
N LEU A 668 9.22 12.59 -7.27
CA LEU A 668 8.57 12.52 -8.57
C LEU A 668 9.42 11.84 -9.63
N ARG A 669 10.74 11.71 -9.41
CA ARG A 669 11.62 11.24 -10.48
C ARG A 669 11.46 9.74 -10.70
N CYS A 670 11.45 9.36 -11.97
CA CYS A 670 11.48 7.96 -12.36
C CYS A 670 12.51 7.71 -13.47
N THR A 671 13.53 8.58 -13.56
CA THR A 671 14.67 8.43 -14.44
C THR A 671 15.88 8.98 -13.70
N VAL A 672 17.08 8.56 -14.11
CA VAL A 672 18.28 9.19 -13.59
C VAL A 672 18.40 10.59 -14.19
N SER A 673 18.71 11.58 -13.37
CA SER A 673 18.92 12.94 -13.89
C SER A 673 20.26 13.05 -14.61
N GLU A 674 20.35 13.99 -15.54
CA GLU A 674 21.58 14.21 -16.29
C GLU A 674 22.58 14.97 -15.43
N SER A 675 23.77 14.42 -15.27
CA SER A 675 24.87 15.17 -14.67
C SER A 675 25.30 16.28 -15.62
N TRP A 676 25.59 17.46 -15.07
CA TRP A 676 26.09 18.57 -15.88
C TRP A 676 27.49 18.23 -16.39
#